data_7W55
#
_entry.id   7W55
#
_cell.length_a   1.00
_cell.length_b   1.00
_cell.length_c   1.00
_cell.angle_alpha   90.00
_cell.angle_beta   90.00
_cell.angle_gamma   90.00
#
_symmetry.space_group_name_H-M   'P 1'
#
loop_
_entity.id
_entity.type
_entity.pdbx_description
1 polymer 'Guanine nucleotide-binding protein G(q) subunit alpha'
2 polymer 'Guanine nucleotide-binding protein G(I)/G(S)/G(T) subunit beta-1'
3 polymer Neuromedin-U-25
4 polymer scFv16
5 polymer 'Guanine nucleotide-binding protein G(I)/G(S)/G(O) subunit gamma-2'
6 polymer 'Neuromedin-U receptor 2'
#
loop_
_entity_poly.entity_id
_entity_poly.type
_entity_poly.pdbx_seq_one_letter_code
_entity_poly.pdbx_strand_id
1 'polypeptide(L)'
;MGCTLSAEDKAAVERSKMIEKQLQKDKQVYRRTLRLLLLGADNSGKSTIVKQMRIYHVNGYSEEECKQYKAVVYSNTIQS
IIAIIRAMGRLKIDFGDSARADDARQLFVLAGAAEEGFMTAELAGVIKRLWKDSGVQACFNRSREYQLNDSAAYYLNDLD
RIAQPNYIPTQQDVLRTRVKTSGIFETKFQVDKVNFHMFDVGAQRDERRKWIQCFNDVTAIIFVVDSSDYNRLQEALNDF
KSIWNNRWLRTISVILFLNKQDLLAEKVLAGKSKIEDYFPEFARYTTPEDATPEPGEDPRVTRAKYFIRKEFVDISTASG
DGRHICYPHFTCSVDTENARRIFNDCKDIILQMNLREYNLV
;
A
2 'polypeptide(L)'
;MGSLLQSELDQLRQEAEQLKNQIRDARKACADATLSQITNNIDPVGRIQMRTRRTLRGHLAKIYAMHWGTDSRLLVSASQ
DGKLIIWDSYTTNKVHAIPLRSSWVMTCAYAPSGNYVACGGLDNICSIYNLKTREGNVRVSRELAGHTGYLSCCRFLDDN
QIVTSSGDTTCALWDIETGQQTTTFTGHTGDVMSLSLAPDTRLFVSGACDASAKLWDVREGMCRQTFTGHESDINAICFF
PNGNAFATGSDDATCRLFDLRADQELMTYSHDNIICGITSVSFSKSGRLLLAGYDDFNCNVWDALKADRAGVLAGHDNRV
SCLGVTDDGMAVATGSWDSFLKIWN
;
B
3 'polypeptide(L)' FRVDEEFQSPFASQSRGYFLFRPRNQ C
4 'polypeptide(L)'
;DVQLVESGGGLVQPGGSRKLSCSASGFAFSSFGMHWVRQAPEKGLEWVAYISSGSGTIYYADTVKGRFTISRDDPKNTLF
LQMTSLRSEDTAMYYCVRSIYYYGSSPFDFWGQGTTLTVSSGGGGSGGGGSGGGGSDIVMTQATSSVPVTPGESVSISCR
SSKSLLHSNGNTYLYWFLQRPGQSPQLLIYRMSNLASGVPDRFSGSGSGTAFTLTISRLEAEDVGVYYCMQHLEYPLTFG
AGTKLELK
;
E
5 'polypeptide(L)' ASNNTASIAQARKLVEQLKMEANIDRIKVSKAAADLMAYCEAHAKEDPLLTPVPASENPFREKKFFCAIL G
6 'polypeptide(L)'
;MKTIIALSYIFCLVFADYKDDDDAKLQTMHHHHHHHHHHADLEDNWETLNDNLKVIEKADNAAQVKDALTKMRAAALDAQ
KATPPKLEDKSPDSPEMKDFRHGFDILVGQIDDALKLANEGKVKEAQAAAEQLKTTRNAYIQKYLASENLYFQGGTMSGM
EKLQNASWIYQQKLEDPFQKHLNSTEEYLAFLCGPRRSHFFLPVSVVYVPIFVVGVIGNVLVCLVILQHQAMKTPTNYYL
FSLAVSDLLVLLLGMPLEVYEMWRNYPFLFGPVGCYFKTALFETVCFASILSITTVSVERYVAILHPFRAKLQSTRRRAL
RILGIVWGFSVLFSLPNTSIHGIKFHYFPNGSLVPGSATCTVIKPMWIYNFIIQVTSFLFYLLPMTVISVLYYLMALRLK
KDKSLEADEGNANIQRPCRKSVNKMLFVLVLVFAICWAPFHIDRLFFSFVEEWSESLAAVFNLVHVVSGVFFYLSSAVNP
IIYNLLSRRFQAAFQNVISSFHKQWHSQHDPQLPPAQRNIFLTECHFVELTEDIGPQFPCQSSMHNSHLPAALSSEQMSR
TNYQSFHFNKT
;
R
#
# COMPACT_ATOMS: atom_id res chain seq x y z
N LEU A 5 -6.01 -0.08 28.06
CA LEU A 5 -5.68 -1.14 27.06
C LEU A 5 -5.15 -2.38 27.78
N SER A 6 -5.85 -3.49 27.61
CA SER A 6 -5.53 -4.70 28.35
C SER A 6 -4.15 -5.23 27.98
N ALA A 7 -3.66 -6.16 28.81
CA ALA A 7 -2.35 -6.75 28.55
C ALA A 7 -2.33 -7.47 27.21
N GLU A 8 -3.39 -8.22 26.90
CA GLU A 8 -3.44 -8.93 25.63
C GLU A 8 -3.55 -7.95 24.46
N ASP A 9 -4.27 -6.86 24.64
CA ASP A 9 -4.33 -5.84 23.59
C ASP A 9 -2.96 -5.21 23.36
N LYS A 10 -2.22 -4.95 24.43
CA LYS A 10 -0.87 -4.42 24.28
C LYS A 10 0.03 -5.40 23.55
N ALA A 11 -0.07 -6.70 23.89
CA ALA A 11 0.73 -7.69 23.18
C ALA A 11 0.33 -7.79 21.72
N ALA A 12 -0.96 -7.65 21.42
CA ALA A 12 -1.39 -7.63 20.02
C ALA A 12 -0.81 -6.43 19.28
N VAL A 13 -0.76 -5.27 19.94
CA VAL A 13 -0.15 -4.10 19.32
C VAL A 13 1.33 -4.35 19.07
N GLU A 14 2.00 -5.02 20.02
CA GLU A 14 3.40 -5.35 19.82
C GLU A 14 3.60 -6.28 18.63
N ARG A 15 2.72 -7.28 18.49
CA ARG A 15 2.78 -8.16 17.31
C ARG A 15 2.55 -7.36 16.03
N SER A 16 1.60 -6.43 16.06
CA SER A 16 1.35 -5.60 14.88
C SER A 16 2.58 -4.79 14.51
N LYS A 17 3.26 -4.23 15.51
CA LYS A 17 4.44 -3.42 15.23
C LYS A 17 5.60 -4.28 14.74
N MET A 18 5.70 -5.51 15.18
CA MET A 18 6.73 -6.39 14.70
C MET A 18 6.39 -6.82 13.27
N ILE A 19 5.13 -6.93 12.88
CA ILE A 19 4.73 -7.14 11.49
C ILE A 19 5.09 -5.92 10.65
N GLU A 20 4.88 -4.72 11.20
CA GLU A 20 5.23 -3.51 10.47
C GLU A 20 6.74 -3.40 10.25
N LYS A 21 7.53 -3.83 11.23
CA LYS A 21 8.98 -3.86 11.03
C LYS A 21 9.35 -4.77 9.87
N GLN A 22 8.75 -5.96 9.82
CA GLN A 22 9.03 -6.87 8.71
C GLN A 22 8.55 -6.28 7.39
N LEU A 23 7.41 -5.60 7.41
CA LEU A 23 6.89 -4.97 6.20
C LEU A 23 7.81 -3.88 5.69
N GLN A 24 8.42 -3.11 6.59
CA GLN A 24 9.43 -2.13 6.15
C GLN A 24 10.65 -2.82 5.57
N LYS A 25 11.10 -3.91 6.20
CA LYS A 25 12.23 -4.65 5.64
C LYS A 25 11.92 -5.16 4.24
N ASP A 26 10.66 -5.54 4.00
CA ASP A 26 10.26 -5.98 2.66
C ASP A 26 10.04 -4.81 1.72
N LYS A 27 9.64 -3.65 2.25
CA LYS A 27 9.48 -2.46 1.41
C LYS A 27 10.81 -2.02 0.83
N GLN A 28 11.88 -2.16 1.60
CA GLN A 28 13.20 -1.87 1.04
C GLN A 28 13.47 -2.70 -0.20
N VAL A 29 13.26 -4.02 -0.11
CA VAL A 29 13.47 -4.90 -1.25
C VAL A 29 12.53 -4.53 -2.40
N TYR A 30 11.28 -4.22 -2.08
CA TYR A 30 10.30 -3.92 -3.12
C TYR A 30 10.70 -2.68 -3.90
N ARG A 31 11.19 -1.65 -3.21
CA ARG A 31 11.58 -0.42 -3.89
C ARG A 31 12.89 -0.62 -4.65
N ARG A 32 13.80 -1.45 -4.13
CA ARG A 32 15.11 -1.61 -4.75
C ARG A 32 15.12 -2.57 -5.94
N THR A 33 14.01 -3.22 -6.26
CA THR A 33 13.93 -4.14 -7.40
C THR A 33 13.12 -3.51 -8.51
N LEU A 34 13.66 -3.55 -9.73
CA LEU A 34 13.00 -3.03 -10.92
C LEU A 34 12.19 -4.13 -11.59
N ARG A 35 10.89 -3.93 -11.72
CA ARG A 35 10.02 -4.91 -12.34
C ARG A 35 10.01 -4.74 -13.86
N LEU A 36 10.04 -5.86 -14.58
CA LEU A 36 9.97 -5.87 -16.03
C LEU A 36 8.95 -6.91 -16.47
N LEU A 37 8.16 -6.58 -17.49
CA LEU A 37 7.19 -7.49 -18.06
C LEU A 37 7.68 -7.93 -19.43
N LEU A 38 7.79 -9.25 -19.62
CA LEU A 38 8.31 -9.82 -20.85
C LEU A 38 7.15 -10.37 -21.66
N LEU A 39 6.86 -9.74 -22.79
CA LEU A 39 5.78 -10.13 -23.67
C LEU A 39 6.34 -10.53 -25.02
N GLY A 40 5.59 -11.37 -25.74
CA GLY A 40 6.00 -11.81 -27.05
C GLY A 40 5.34 -13.12 -27.45
N ALA A 41 4.99 -13.25 -28.72
CA ALA A 41 4.30 -14.44 -29.18
C ALA A 41 5.21 -15.66 -29.03
N ASP A 42 4.62 -16.85 -29.23
CA ASP A 42 5.40 -18.08 -29.12
C ASP A 42 6.52 -18.13 -30.16
N ASN A 43 6.36 -17.44 -31.28
CA ASN A 43 7.43 -17.40 -32.28
C ASN A 43 8.64 -16.61 -31.76
N SER A 44 8.40 -15.63 -30.91
CA SER A 44 9.48 -14.80 -30.39
C SER A 44 10.40 -15.62 -29.50
N GLY A 45 11.68 -15.25 -29.50
CA GLY A 45 12.67 -15.95 -28.72
C GLY A 45 12.71 -15.57 -27.26
N LYS A 46 11.58 -15.12 -26.70
CA LYS A 46 11.59 -14.64 -25.32
C LYS A 46 12.05 -15.73 -24.36
N SER A 47 11.66 -16.98 -24.64
CA SER A 47 12.09 -18.08 -23.78
C SER A 47 13.61 -18.24 -23.84
N THR A 48 14.21 -18.05 -25.01
CA THR A 48 15.66 -18.18 -25.12
C THR A 48 16.36 -17.02 -24.42
N ILE A 49 15.78 -15.82 -24.46
CA ILE A 49 16.32 -14.71 -23.69
C ILE A 49 16.27 -15.04 -22.20
N VAL A 50 15.15 -15.59 -21.75
CA VAL A 50 15.02 -15.97 -20.34
C VAL A 50 16.09 -16.98 -19.97
N LYS A 51 16.30 -18.00 -20.81
CA LYS A 51 17.26 -19.05 -20.49
C LYS A 51 18.69 -18.53 -20.53
N GLN A 52 19.00 -17.61 -21.46
CA GLN A 52 20.36 -17.10 -21.59
C GLN A 52 20.65 -15.94 -20.65
N MET A 53 19.64 -15.36 -20.02
CA MET A 53 19.86 -14.45 -18.90
C MET A 53 20.18 -15.30 -17.65
N ARG A 54 21.38 -15.85 -17.69
CA ARG A 54 21.82 -16.92 -16.79
C ARG A 54 22.75 -16.39 -15.70
N ILE A 55 22.48 -15.19 -15.22
CA ILE A 55 23.28 -14.58 -14.16
C ILE A 55 23.22 -15.45 -12.91
N THR A 181 1.31 -25.60 -16.19
CA THR A 181 0.15 -24.72 -16.32
C THR A 181 0.30 -23.47 -15.47
N SER A 182 1.50 -23.23 -14.97
CA SER A 182 1.77 -22.07 -14.13
C SER A 182 1.77 -20.81 -14.98
N GLY A 183 0.94 -19.84 -14.60
CA GLY A 183 0.70 -18.68 -15.45
C GLY A 183 1.71 -17.56 -15.34
N ILE A 184 2.64 -17.61 -14.41
CA ILE A 184 3.62 -16.54 -14.22
C ILE A 184 4.96 -17.16 -13.91
N PHE A 185 6.02 -16.60 -14.52
CA PHE A 185 7.37 -17.14 -14.44
C PHE A 185 8.33 -16.00 -14.03
N GLU A 186 8.46 -15.80 -12.72
CA GLU A 186 9.34 -14.77 -12.19
C GLU A 186 10.81 -15.11 -12.45
N THR A 187 11.48 -14.32 -13.28
CA THR A 187 12.90 -14.48 -13.56
C THR A 187 13.67 -13.31 -12.95
N LYS A 188 14.72 -13.63 -12.20
CA LYS A 188 15.48 -12.64 -11.45
C LYS A 188 16.93 -12.62 -11.92
N PHE A 189 17.45 -11.43 -12.21
CA PHE A 189 18.83 -11.27 -12.62
C PHE A 189 19.32 -9.89 -12.18
N GLN A 190 20.63 -9.74 -12.12
CA GLN A 190 21.26 -8.53 -11.61
C GLN A 190 22.35 -8.06 -12.55
N VAL A 191 22.37 -6.75 -12.81
CA VAL A 191 23.39 -6.10 -13.63
C VAL A 191 23.90 -4.89 -12.88
N ASP A 192 25.21 -4.75 -12.79
CA ASP A 192 25.85 -3.60 -12.15
C ASP A 192 25.16 -3.24 -10.83
N LYS A 193 24.91 -4.28 -10.04
CA LYS A 193 24.42 -4.16 -8.66
C LYS A 193 23.02 -3.54 -8.56
N VAL A 194 22.22 -3.60 -9.62
CA VAL A 194 20.79 -3.29 -9.54
C VAL A 194 20.02 -4.53 -9.92
N ASN A 195 18.99 -4.84 -9.12
CA ASN A 195 18.28 -6.12 -9.21
C ASN A 195 17.05 -5.99 -10.10
N PHE A 196 16.94 -6.88 -11.07
CA PHE A 196 15.82 -6.89 -12.01
C PHE A 196 14.97 -8.13 -11.78
N HIS A 197 13.66 -7.93 -11.68
CA HIS A 197 12.68 -9.01 -11.70
C HIS A 197 11.95 -8.94 -13.03
N MET A 198 12.02 -10.04 -13.79
CA MET A 198 11.44 -10.12 -15.12
C MET A 198 10.31 -11.14 -15.09
N PHE A 199 9.12 -10.72 -15.50
CA PHE A 199 7.92 -11.54 -15.40
C PHE A 199 7.45 -11.93 -16.79
N ASP A 200 7.30 -13.24 -17.01
CA ASP A 200 6.73 -13.78 -18.23
C ASP A 200 5.42 -14.46 -17.89
N VAL A 201 4.34 -14.06 -18.58
CA VAL A 201 3.03 -14.66 -18.38
C VAL A 201 2.88 -15.82 -19.35
N GLY A 202 3.38 -16.99 -18.97
CA GLY A 202 3.60 -18.07 -19.92
C GLY A 202 2.44 -19.01 -20.17
N ALA A 203 1.45 -19.06 -19.28
CA ALA A 203 0.40 -20.08 -19.37
C ALA A 203 -0.98 -19.45 -19.18
N GLN A 204 -1.24 -18.38 -19.92
CA GLN A 204 -2.52 -17.68 -19.84
C GLN A 204 -3.08 -17.47 -21.23
N ARG A 205 -4.39 -17.24 -21.28
CA ARG A 205 -5.14 -17.22 -22.53
C ARG A 205 -4.67 -16.08 -23.43
N ASP A 206 -5.17 -16.11 -24.68
CA ASP A 206 -4.73 -15.15 -25.68
C ASP A 206 -5.05 -13.71 -25.27
N GLU A 207 -6.25 -13.48 -24.74
CA GLU A 207 -6.65 -12.13 -24.38
C GLU A 207 -5.89 -11.67 -23.14
N ARG A 208 -5.52 -10.37 -23.12
CA ARG A 208 -4.77 -9.81 -22.02
C ARG A 208 -5.30 -8.50 -21.51
N ARG A 209 -6.40 -7.98 -22.06
CA ARG A 209 -6.84 -6.65 -21.67
C ARG A 209 -7.13 -6.55 -20.18
N LYS A 210 -7.24 -7.67 -19.48
CA LYS A 210 -7.49 -7.65 -18.04
C LYS A 210 -6.21 -7.82 -17.22
N TRP A 211 -5.47 -8.91 -17.43
CA TRP A 211 -4.31 -9.15 -16.58
C TRP A 211 -3.17 -8.18 -16.88
N ILE A 212 -3.21 -7.49 -18.02
CA ILE A 212 -2.21 -6.47 -18.31
C ILE A 212 -2.35 -5.29 -17.36
N GLN A 213 -3.54 -5.10 -16.78
CA GLN A 213 -3.74 -3.97 -15.89
C GLN A 213 -2.85 -4.07 -14.65
N CYS A 214 -2.54 -5.30 -14.22
CA CYS A 214 -1.71 -5.46 -13.03
C CYS A 214 -0.33 -4.84 -13.23
N PHE A 215 0.14 -4.80 -14.46
CA PHE A 215 1.54 -4.52 -14.74
C PHE A 215 1.83 -3.05 -15.05
N ASN A 216 0.89 -2.16 -14.78
CA ASN A 216 1.30 -0.77 -14.64
C ASN A 216 2.10 -0.62 -13.35
N ASP A 217 2.94 0.41 -13.31
CA ASP A 217 3.97 0.57 -12.28
C ASP A 217 5.15 -0.37 -12.46
N VAL A 218 5.31 -0.94 -13.66
CA VAL A 218 6.54 -1.65 -13.99
C VAL A 218 7.50 -0.66 -14.64
N THR A 219 8.80 -0.97 -14.54
CA THR A 219 9.80 -0.08 -15.13
C THR A 219 9.68 -0.07 -16.64
N ALA A 220 9.56 -1.25 -17.26
CA ALA A 220 9.47 -1.33 -18.71
C ALA A 220 8.78 -2.62 -19.10
N ILE A 221 8.31 -2.65 -20.34
CA ILE A 221 7.81 -3.86 -20.98
C ILE A 221 8.84 -4.29 -22.00
N ILE A 222 9.35 -5.52 -21.85
CA ILE A 222 10.28 -6.09 -22.81
C ILE A 222 9.46 -6.83 -23.85
N PHE A 223 9.33 -6.25 -25.04
CA PHE A 223 8.55 -6.82 -26.12
C PHE A 223 9.50 -7.46 -27.13
N VAL A 224 9.40 -8.78 -27.27
CA VAL A 224 10.26 -9.55 -28.16
C VAL A 224 9.45 -9.97 -29.38
N VAL A 225 9.99 -9.71 -30.56
CA VAL A 225 9.32 -10.06 -31.81
C VAL A 225 10.32 -10.73 -32.75
N ASP A 226 9.90 -11.81 -33.39
CA ASP A 226 10.72 -12.50 -34.37
C ASP A 226 10.77 -11.68 -35.65
N SER A 227 11.92 -11.08 -35.93
CA SER A 227 12.06 -10.22 -37.10
C SER A 227 12.10 -11.01 -38.41
N SER A 228 12.27 -12.32 -38.35
CA SER A 228 12.46 -13.10 -39.57
C SER A 228 11.16 -13.53 -40.22
N ASP A 229 10.18 -13.99 -39.43
CA ASP A 229 8.96 -14.57 -39.99
C ASP A 229 8.04 -13.43 -40.41
N TYR A 230 8.12 -13.07 -41.69
CA TYR A 230 7.36 -11.94 -42.20
C TYR A 230 5.86 -12.14 -42.08
N ASN A 231 5.39 -13.39 -42.09
CA ASN A 231 3.96 -13.62 -41.97
C ASN A 231 3.43 -13.12 -40.62
N ARG A 232 4.23 -13.31 -39.58
CA ARG A 232 3.84 -12.95 -38.22
C ARG A 232 4.14 -11.50 -37.87
N LEU A 233 4.87 -10.78 -38.73
CA LEU A 233 5.27 -9.42 -38.39
C LEU A 233 4.06 -8.50 -38.24
N GLN A 234 3.03 -8.66 -39.08
CA GLN A 234 1.85 -7.82 -38.93
C GLN A 234 1.14 -8.10 -37.62
N GLU A 235 1.05 -9.38 -37.24
CA GLU A 235 0.44 -9.72 -35.96
C GLU A 235 1.25 -9.12 -34.81
N ALA A 236 2.58 -9.18 -34.90
CA ALA A 236 3.41 -8.57 -33.88
C ALA A 236 3.23 -7.06 -33.84
N LEU A 237 3.08 -6.43 -35.00
CA LEU A 237 2.85 -4.99 -35.03
C LEU A 237 1.54 -4.62 -34.35
N ASN A 238 0.49 -5.39 -34.61
CA ASN A 238 -0.79 -5.11 -33.97
C ASN A 238 -0.73 -5.38 -32.48
N ASP A 239 0.01 -6.41 -32.06
CA ASP A 239 0.20 -6.65 -30.63
C ASP A 239 0.93 -5.50 -29.97
N PHE A 240 1.98 -5.00 -30.63
CA PHE A 240 2.69 -3.84 -30.12
C PHE A 240 1.78 -2.63 -30.04
N LYS A 241 0.87 -2.46 -30.96
CA LYS A 241 -0.04 -1.35 -30.91
C LYS A 241 -0.88 -1.51 -29.72
N SER A 242 -1.47 -2.69 -29.55
CA SER A 242 -2.38 -2.88 -28.42
C SER A 242 -1.67 -2.63 -27.09
N ILE A 243 -0.39 -2.99 -26.99
CA ILE A 243 0.37 -2.74 -25.78
C ILE A 243 0.65 -1.26 -25.60
N TRP A 244 1.04 -0.59 -26.68
CA TRP A 244 1.44 0.80 -26.60
C TRP A 244 0.28 1.71 -26.26
N ASN A 245 -0.88 1.47 -26.86
CA ASN A 245 -2.02 2.34 -26.69
C ASN A 245 -2.95 1.92 -25.55
N ASN A 246 -2.55 0.94 -24.75
CA ASN A 246 -3.40 0.51 -23.65
C ASN A 246 -3.57 1.62 -22.63
N ARG A 247 -4.78 1.73 -22.08
CA ARG A 247 -5.09 2.83 -21.17
C ARG A 247 -4.15 2.84 -19.97
N TRP A 248 -3.81 1.66 -19.44
CA TRP A 248 -3.03 1.56 -18.22
C TRP A 248 -1.53 1.63 -18.48
N LEU A 249 -1.07 1.05 -19.58
CA LEU A 249 0.34 1.04 -19.92
C LEU A 249 0.84 2.37 -20.46
N ARG A 250 -0.05 3.35 -20.65
CA ARG A 250 0.30 4.57 -21.36
C ARG A 250 1.56 5.23 -20.79
N THR A 251 1.84 5.05 -19.51
CA THR A 251 3.03 5.63 -18.89
C THR A 251 4.24 4.70 -18.92
N ILE A 252 4.12 3.50 -19.48
CA ILE A 252 5.14 2.47 -19.36
C ILE A 252 5.92 2.40 -20.68
N SER A 253 7.24 2.50 -20.59
CA SER A 253 8.09 2.39 -21.76
C SER A 253 8.20 0.94 -22.21
N VAL A 254 8.45 0.76 -23.50
CA VAL A 254 8.58 -0.56 -24.11
C VAL A 254 10.00 -0.73 -24.62
N ILE A 255 10.70 -1.73 -24.11
CA ILE A 255 11.99 -2.14 -24.65
C ILE A 255 11.70 -3.19 -25.73
N LEU A 256 12.02 -2.86 -26.97
CA LEU A 256 11.60 -3.63 -28.13
C LEU A 256 12.78 -4.41 -28.68
N PHE A 257 12.84 -5.70 -28.37
CA PHE A 257 13.89 -6.58 -28.88
C PHE A 257 13.42 -7.22 -30.18
N LEU A 258 13.91 -6.69 -31.29
CA LEU A 258 13.71 -7.31 -32.60
C LEU A 258 14.67 -8.47 -32.70
N ASN A 259 14.20 -9.65 -32.28
CA ASN A 259 15.06 -10.81 -32.05
C ASN A 259 15.25 -11.62 -33.34
N LYS A 260 16.17 -12.59 -33.26
CA LYS A 260 16.45 -13.49 -34.37
C LYS A 260 16.94 -12.72 -35.59
N GLN A 261 17.87 -11.80 -35.36
CA GLN A 261 18.45 -11.05 -36.47
C GLN A 261 19.33 -11.93 -37.35
N ASP A 262 19.92 -12.98 -36.79
CA ASP A 262 20.68 -13.92 -37.61
C ASP A 262 19.78 -14.57 -38.65
N LEU A 263 18.59 -15.02 -38.25
CA LEU A 263 17.66 -15.60 -39.20
C LEU A 263 17.22 -14.57 -40.22
N LEU A 264 17.03 -13.32 -39.81
CA LEU A 264 16.66 -12.28 -40.76
C LEU A 264 17.76 -12.09 -41.80
N ALA A 265 19.01 -12.07 -41.36
CA ALA A 265 20.12 -11.94 -42.30
C ALA A 265 20.13 -13.11 -43.29
N GLU A 266 20.06 -14.33 -42.78
CA GLU A 266 20.04 -15.50 -43.66
C GLU A 266 18.89 -15.42 -44.65
N LYS A 267 17.70 -15.04 -44.17
CA LYS A 267 16.52 -15.03 -45.02
C LYS A 267 16.63 -14.00 -46.13
N VAL A 268 16.99 -12.76 -45.77
CA VAL A 268 17.05 -11.71 -46.78
C VAL A 268 18.23 -11.92 -47.72
N LEU A 269 19.33 -12.50 -47.23
CA LEU A 269 20.44 -12.83 -48.11
C LEU A 269 20.04 -13.90 -49.12
N ALA A 270 19.36 -14.95 -48.66
CA ALA A 270 18.98 -16.04 -49.55
C ALA A 270 17.93 -15.62 -50.56
N GLY A 271 17.12 -14.61 -50.24
CA GLY A 271 16.13 -14.12 -51.18
C GLY A 271 14.94 -15.03 -51.40
N LYS A 272 14.83 -16.15 -50.68
CA LYS A 272 13.71 -17.05 -50.88
C LYS A 272 12.38 -16.43 -50.44
N SER A 273 12.42 -15.48 -49.51
CA SER A 273 11.24 -14.72 -49.12
C SER A 273 11.61 -13.25 -49.07
N LYS A 274 10.72 -12.40 -49.59
CA LYS A 274 11.03 -10.98 -49.77
C LYS A 274 9.97 -10.14 -49.08
N ILE A 275 10.43 -9.16 -48.30
CA ILE A 275 9.53 -8.38 -47.46
C ILE A 275 8.51 -7.62 -48.30
N GLU A 276 8.86 -7.28 -49.53
CA GLU A 276 7.93 -6.52 -50.37
C GLU A 276 6.59 -7.24 -50.51
N ASP A 277 6.60 -8.57 -50.55
CA ASP A 277 5.38 -9.34 -50.75
C ASP A 277 4.40 -9.17 -49.59
N TYR A 278 4.90 -8.85 -48.41
CA TYR A 278 4.06 -8.64 -47.23
C TYR A 278 3.86 -7.17 -46.89
N PHE A 279 4.89 -6.36 -47.05
CA PHE A 279 4.80 -4.91 -46.84
C PHE A 279 5.16 -4.21 -48.15
N PRO A 280 4.18 -3.70 -48.90
CA PRO A 280 4.49 -3.13 -50.21
C PRO A 280 5.43 -1.94 -50.14
N GLU A 281 5.41 -1.18 -49.04
CA GLU A 281 6.21 0.03 -48.96
C GLU A 281 7.70 -0.25 -48.87
N PHE A 282 8.11 -1.51 -48.68
CA PHE A 282 9.53 -1.82 -48.68
C PHE A 282 10.17 -1.57 -50.04
N ALA A 283 9.39 -1.60 -51.11
CA ALA A 283 9.91 -1.30 -52.44
C ALA A 283 10.36 0.15 -52.57
N ARG A 284 9.88 1.02 -51.69
CA ARG A 284 10.18 2.45 -51.77
C ARG A 284 10.84 2.97 -50.50
N TYR A 285 11.54 2.12 -49.76
CA TYR A 285 12.17 2.50 -48.50
C TYR A 285 13.69 2.51 -48.67
N THR A 286 14.29 3.66 -48.41
CA THR A 286 15.74 3.79 -48.42
C THR A 286 16.30 3.63 -47.02
N THR A 287 17.48 3.05 -46.93
CA THR A 287 18.20 3.02 -45.67
C THR A 287 18.40 4.44 -45.16
N PRO A 288 18.08 4.75 -43.92
CA PRO A 288 18.29 6.11 -43.42
C PRO A 288 19.76 6.51 -43.55
N GLU A 289 19.99 7.73 -44.00
CA GLU A 289 21.36 8.19 -44.21
C GLU A 289 22.13 8.27 -42.90
N ASP A 290 21.43 8.46 -41.79
CA ASP A 290 22.07 8.56 -40.48
C ASP A 290 22.33 7.20 -39.84
N ALA A 291 21.93 6.11 -40.49
CA ALA A 291 22.12 4.78 -39.91
C ALA A 291 23.60 4.49 -39.72
N THR A 292 23.90 3.59 -38.77
CA THR A 292 25.27 3.20 -38.44
C THR A 292 25.38 1.69 -38.46
N PRO A 293 25.39 1.09 -39.66
CA PRO A 293 25.53 -0.37 -39.75
C PRO A 293 26.86 -0.86 -39.20
N GLU A 294 26.84 -2.05 -38.62
CA GLU A 294 28.05 -2.68 -38.14
C GLU A 294 28.90 -3.15 -39.32
N PRO A 295 30.19 -3.37 -39.11
CA PRO A 295 31.02 -3.93 -40.18
C PRO A 295 30.52 -5.31 -40.59
N GLY A 296 30.63 -5.60 -41.89
CA GLY A 296 30.11 -6.83 -42.45
C GLY A 296 28.64 -6.81 -42.79
N GLU A 297 27.97 -5.67 -42.62
CA GLU A 297 26.55 -5.56 -42.90
C GLU A 297 26.29 -5.54 -44.40
N ASP A 298 25.58 -6.54 -44.89
CA ASP A 298 25.09 -6.48 -46.26
C ASP A 298 24.03 -5.39 -46.36
N PRO A 299 24.02 -4.60 -47.44
CA PRO A 299 23.05 -3.50 -47.52
C PRO A 299 21.60 -3.95 -47.39
N ARG A 300 21.24 -5.10 -47.95
CA ARG A 300 19.85 -5.55 -47.86
C ARG A 300 19.47 -5.91 -46.43
N VAL A 301 20.39 -6.54 -45.70
CA VAL A 301 20.11 -6.88 -44.30
C VAL A 301 19.84 -5.61 -43.51
N THR A 302 20.72 -4.62 -43.66
CA THR A 302 20.52 -3.34 -42.98
C THR A 302 19.19 -2.73 -43.35
N ARG A 303 18.87 -2.71 -44.65
CA ARG A 303 17.64 -2.06 -45.09
C ARG A 303 16.41 -2.74 -44.51
N ALA A 304 16.39 -4.08 -44.54
CA ALA A 304 15.26 -4.83 -44.00
C ALA A 304 15.10 -4.58 -42.51
N LYS A 305 16.19 -4.72 -41.75
CA LYS A 305 16.08 -4.57 -40.30
C LYS A 305 15.66 -3.15 -39.95
N TYR A 306 16.18 -2.15 -40.65
CA TYR A 306 15.78 -0.78 -40.39
C TYR A 306 14.34 -0.51 -40.81
N PHE A 307 13.82 -1.24 -41.80
CA PHE A 307 12.41 -1.05 -42.15
C PHE A 307 11.50 -1.63 -41.07
N ILE A 308 11.84 -2.82 -40.56
CA ILE A 308 11.07 -3.38 -39.45
C ILE A 308 11.11 -2.44 -38.26
N ARG A 309 12.31 -1.97 -37.90
CA ARG A 309 12.44 -1.02 -36.80
C ARG A 309 11.62 0.23 -37.07
N LYS A 310 11.60 0.69 -38.33
CA LYS A 310 10.82 1.89 -38.65
C LYS A 310 9.34 1.64 -38.46
N GLU A 311 8.85 0.45 -38.83
CA GLU A 311 7.43 0.16 -38.62
C GLU A 311 7.09 0.23 -37.13
N PHE A 312 7.90 -0.43 -36.30
CA PHE A 312 7.63 -0.41 -34.88
C PHE A 312 7.74 1.00 -34.31
N VAL A 313 8.76 1.75 -34.73
CA VAL A 313 8.96 3.11 -34.23
C VAL A 313 7.82 4.01 -34.69
N ASP A 314 7.30 3.80 -35.89
CA ASP A 314 6.16 4.57 -36.37
C ASP A 314 4.94 4.30 -35.50
N ILE A 315 4.71 3.03 -35.16
CA ILE A 315 3.63 2.74 -34.21
C ILE A 315 3.89 3.42 -32.88
N SER A 316 5.15 3.53 -32.48
CA SER A 316 5.48 4.08 -31.17
C SER A 316 5.30 5.60 -31.12
N THR A 317 5.69 6.29 -32.19
CA THR A 317 5.74 7.75 -32.15
C THR A 317 4.36 8.38 -32.20
N ALA A 318 3.43 7.79 -32.95
CA ALA A 318 2.06 8.24 -32.91
C ALA A 318 1.46 7.97 -31.53
N SER A 319 0.75 8.96 -31.00
CA SER A 319 0.08 8.87 -29.70
C SER A 319 1.05 8.62 -28.55
N GLY A 320 2.34 8.88 -28.75
CA GLY A 320 3.29 8.71 -27.65
C GLY A 320 3.02 9.71 -26.54
N ASP A 321 2.79 10.97 -26.89
CA ASP A 321 2.57 12.05 -25.93
C ASP A 321 3.78 12.26 -25.01
N GLY A 322 4.92 11.65 -25.34
CA GLY A 322 6.15 11.89 -24.61
C GLY A 322 6.22 11.20 -23.26
N ARG A 323 5.07 10.76 -22.73
CA ARG A 323 5.08 10.15 -21.41
C ARG A 323 5.79 8.80 -21.41
N HIS A 324 5.79 8.08 -22.53
CA HIS A 324 6.53 6.83 -22.64
C HIS A 324 7.15 6.74 -24.03
N ILE A 325 8.29 6.04 -24.11
CA ILE A 325 9.07 5.96 -25.32
C ILE A 325 9.52 4.53 -25.54
N CYS A 326 9.80 4.21 -26.80
CA CYS A 326 10.20 2.87 -27.22
C CYS A 326 11.71 2.82 -27.43
N TYR A 327 12.31 1.67 -27.12
CA TYR A 327 13.76 1.48 -27.21
C TYR A 327 14.03 0.26 -28.09
N PRO A 328 14.08 0.44 -29.41
CA PRO A 328 14.31 -0.72 -30.29
C PRO A 328 15.74 -1.23 -30.17
N HIS A 329 15.88 -2.55 -30.22
CA HIS A 329 17.18 -3.21 -30.22
C HIS A 329 17.16 -4.37 -31.20
N PHE A 330 18.17 -4.43 -32.06
CA PHE A 330 18.42 -5.62 -32.86
C PHE A 330 19.26 -6.58 -32.03
N THR A 331 18.74 -7.79 -31.81
CA THR A 331 19.38 -8.74 -30.92
C THR A 331 19.23 -10.16 -31.45
N CYS A 332 20.12 -11.02 -31.00
CA CYS A 332 20.00 -12.46 -31.17
C CYS A 332 19.92 -13.09 -29.79
N SER A 333 19.10 -14.15 -29.68
CA SER A 333 18.88 -14.74 -28.37
C SER A 333 20.14 -15.31 -27.76
N VAL A 334 21.16 -15.60 -28.57
CA VAL A 334 22.45 -16.02 -28.05
C VAL A 334 23.21 -14.88 -27.40
N ASP A 335 22.89 -13.63 -27.76
CA ASP A 335 23.69 -12.49 -27.33
C ASP A 335 23.65 -12.34 -25.81
N THR A 336 24.83 -12.29 -25.20
CA THR A 336 24.92 -12.08 -23.76
C THR A 336 24.67 -10.63 -23.37
N GLU A 337 24.75 -9.70 -24.33
CA GLU A 337 24.63 -8.28 -24.03
C GLU A 337 23.20 -7.85 -23.75
N ASN A 338 22.21 -8.73 -23.93
CA ASN A 338 20.82 -8.33 -23.74
C ASN A 338 20.60 -7.75 -22.35
N ALA A 339 21.30 -8.27 -21.35
CA ALA A 339 21.16 -7.71 -20.00
C ALA A 339 21.65 -6.27 -19.94
N ARG A 340 22.76 -5.97 -20.63
CA ARG A 340 23.24 -4.59 -20.66
C ARG A 340 22.25 -3.68 -21.38
N ARG A 341 21.60 -4.19 -22.43
CA ARG A 341 20.61 -3.38 -23.13
C ARG A 341 19.48 -2.98 -22.20
N ILE A 342 18.96 -3.94 -21.43
CA ILE A 342 17.90 -3.64 -20.48
C ILE A 342 18.41 -2.70 -19.41
N PHE A 343 19.65 -2.89 -18.96
CA PHE A 343 20.20 -2.00 -17.94
C PHE A 343 20.25 -0.57 -18.43
N ASN A 344 20.77 -0.35 -19.64
CA ASN A 344 20.87 1.00 -20.18
C ASN A 344 19.48 1.61 -20.42
N ASP A 345 18.56 0.82 -20.97
CA ASP A 345 17.23 1.36 -21.24
C ASP A 345 16.51 1.69 -19.95
N CYS A 346 16.63 0.85 -18.93
CA CYS A 346 16.04 1.16 -17.63
C CYS A 346 16.71 2.37 -17.00
N LYS A 347 18.02 2.53 -17.19
CA LYS A 347 18.69 3.72 -16.70
C LYS A 347 18.10 4.97 -17.34
N ASP A 348 17.85 4.93 -18.65
CA ASP A 348 17.25 6.08 -19.33
C ASP A 348 15.81 6.31 -18.87
N ILE A 349 15.04 5.23 -18.69
CA ILE A 349 13.66 5.35 -18.24
C ILE A 349 13.62 6.01 -16.86
N ILE A 350 14.46 5.52 -15.95
CA ILE A 350 14.51 6.10 -14.60
C ILE A 350 15.02 7.54 -14.67
N LEU A 351 15.90 7.84 -15.63
CA LEU A 351 16.37 9.21 -15.78
C LEU A 351 15.22 10.14 -16.17
N GLN A 352 14.37 9.71 -17.10
CA GLN A 352 13.22 10.53 -17.46
C GLN A 352 12.24 10.65 -16.29
N MET A 353 12.01 9.55 -15.58
CA MET A 353 11.14 9.62 -14.41
C MET A 353 11.69 10.57 -13.36
N ASN A 354 13.02 10.60 -13.21
CA ASN A 354 13.64 11.56 -12.31
C ASN A 354 13.49 12.99 -12.83
N LEU A 355 13.67 13.19 -14.13
CA LEU A 355 13.47 14.53 -14.69
C LEU A 355 12.10 15.06 -14.32
N ARG A 356 11.07 14.22 -14.45
CA ARG A 356 9.73 14.67 -14.11
C ARG A 356 9.54 14.79 -12.61
N GLU A 357 10.02 13.80 -11.85
CA GLU A 357 9.81 13.77 -10.40
C GLU A 357 10.53 14.92 -9.71
N TYR A 358 11.73 15.27 -10.19
CA TYR A 358 12.53 16.32 -9.58
C TYR A 358 12.29 17.69 -10.22
N ASN A 359 11.19 17.84 -10.96
CA ASN A 359 10.73 19.11 -11.50
C ASN A 359 11.71 19.74 -12.48
N LEU A 360 12.68 18.98 -12.98
CA LEU A 360 13.61 19.54 -13.96
C LEU A 360 12.89 19.90 -15.26
N VAL A 361 11.90 19.11 -15.66
CA VAL A 361 11.12 19.41 -16.85
C VAL A 361 9.80 20.05 -16.45
N GLU B 8 -26.09 -29.47 -40.71
CA GLU B 8 -26.24 -29.52 -39.23
C GLU B 8 -25.97 -28.16 -38.58
N LEU B 9 -24.81 -27.58 -38.89
CA LEU B 9 -24.36 -26.38 -38.17
C LEU B 9 -25.35 -25.24 -38.33
N ASP B 10 -25.78 -24.96 -39.56
CA ASP B 10 -26.71 -23.84 -39.76
C ASP B 10 -28.07 -24.13 -39.16
N GLN B 11 -28.53 -25.39 -39.18
CA GLN B 11 -29.78 -25.72 -38.51
C GLN B 11 -29.65 -25.49 -37.01
N LEU B 12 -28.52 -25.88 -36.42
CA LEU B 12 -28.31 -25.66 -35.00
C LEU B 12 -28.25 -24.17 -34.68
N ARG B 13 -27.62 -23.37 -35.55
CA ARG B 13 -27.58 -21.92 -35.33
C ARG B 13 -28.98 -21.32 -35.41
N GLN B 14 -29.80 -21.76 -36.37
CA GLN B 14 -31.17 -21.28 -36.44
C GLN B 14 -31.95 -21.66 -35.19
N GLU B 15 -31.75 -22.89 -34.71
CA GLU B 15 -32.41 -23.32 -33.48
C GLU B 15 -31.98 -22.45 -32.30
N ALA B 16 -30.68 -22.14 -32.21
CA ALA B 16 -30.18 -21.31 -31.12
C ALA B 16 -30.78 -19.91 -31.19
N GLU B 17 -30.84 -19.33 -32.39
CA GLU B 17 -31.40 -17.99 -32.53
C GLU B 17 -32.88 -17.98 -32.19
N GLN B 18 -33.62 -19.02 -32.59
CA GLN B 18 -35.04 -19.10 -32.25
C GLN B 18 -35.24 -19.26 -30.75
N LEU B 19 -34.39 -20.06 -30.09
CA LEU B 19 -34.46 -20.18 -28.64
C LEU B 19 -34.14 -18.86 -27.97
N LYS B 20 -33.16 -18.13 -28.49
CA LYS B 20 -32.84 -16.81 -27.93
C LYS B 20 -34.02 -15.87 -28.06
N ASN B 21 -34.69 -15.87 -29.22
CA ASN B 21 -35.88 -15.06 -29.38
C ASN B 21 -36.99 -15.50 -28.46
N GLN B 22 -37.12 -16.80 -28.20
CA GLN B 22 -38.11 -17.29 -27.26
C GLN B 22 -37.83 -16.78 -25.85
N ILE B 23 -36.56 -16.82 -25.43
CA ILE B 23 -36.19 -16.30 -24.12
C ILE B 23 -36.48 -14.81 -24.04
N ARG B 24 -36.13 -14.07 -25.09
CA ARG B 24 -36.41 -12.64 -25.14
C ARG B 24 -37.90 -12.37 -25.01
N ASP B 25 -38.72 -13.14 -25.73
CA ASP B 25 -40.16 -12.95 -25.66
C ASP B 25 -40.70 -13.25 -24.27
N ALA B 26 -40.22 -14.32 -23.64
CA ALA B 26 -40.68 -14.64 -22.29
C ALA B 26 -40.30 -13.54 -21.31
N ARG B 27 -39.06 -13.05 -21.38
CA ARG B 27 -38.65 -11.98 -20.48
C ARG B 27 -39.48 -10.73 -20.70
N LYS B 28 -39.72 -10.38 -21.96
CA LYS B 28 -40.56 -9.21 -22.25
C LYS B 28 -41.98 -9.42 -21.74
N ALA B 29 -42.51 -10.64 -21.88
CA ALA B 29 -43.83 -10.95 -21.36
C ALA B 29 -43.91 -10.82 -19.85
N CYS B 30 -42.78 -11.04 -19.16
CA CYS B 30 -42.74 -10.89 -17.72
C CYS B 30 -42.56 -9.45 -17.27
N ALA B 31 -42.36 -8.52 -18.20
CA ALA B 31 -42.11 -7.12 -17.85
C ALA B 31 -43.41 -6.37 -17.57
N ASP B 32 -44.15 -6.82 -16.55
CA ASP B 32 -45.41 -6.16 -16.20
C ASP B 32 -45.16 -4.71 -15.81
N ALA B 33 -44.08 -4.44 -15.07
CA ALA B 33 -43.76 -3.09 -14.64
C ALA B 33 -42.28 -3.01 -14.34
N THR B 34 -41.77 -1.78 -14.28
CA THR B 34 -40.39 -1.54 -13.93
C THR B 34 -40.23 -1.33 -12.43
N LEU B 35 -39.02 -1.60 -11.93
CA LEU B 35 -38.75 -1.35 -10.52
C LEU B 35 -38.88 0.14 -10.20
N SER B 36 -38.48 1.00 -11.14
CA SER B 36 -38.58 2.44 -10.91
C SER B 36 -40.03 2.89 -10.73
N GLN B 37 -40.97 2.22 -11.40
CA GLN B 37 -42.38 2.54 -11.21
C GLN B 37 -42.84 2.12 -9.82
N ILE B 38 -42.57 0.87 -9.44
CA ILE B 38 -43.06 0.35 -8.16
C ILE B 38 -42.43 1.09 -7.01
N THR B 39 -41.15 1.46 -7.14
CA THR B 39 -40.44 2.16 -6.09
C THR B 39 -40.61 3.67 -6.15
N ASN B 40 -41.39 4.18 -7.10
CA ASN B 40 -41.58 5.62 -7.20
C ASN B 40 -42.21 6.19 -5.95
N ASN B 41 -43.05 5.41 -5.27
CA ASN B 41 -43.73 5.90 -4.08
C ASN B 41 -42.90 5.82 -2.81
N ILE B 42 -41.85 5.00 -2.79
CA ILE B 42 -41.10 4.74 -1.55
C ILE B 42 -40.22 5.94 -1.22
N ASP B 43 -40.08 6.19 0.07
CA ASP B 43 -39.35 7.38 0.52
C ASP B 43 -37.89 7.30 0.09
N PRO B 44 -37.30 8.42 -0.33
CA PRO B 44 -35.89 8.40 -0.70
C PRO B 44 -34.99 8.13 0.50
N VAL B 45 -33.83 7.51 0.22
CA VAL B 45 -32.89 7.16 1.27
C VAL B 45 -32.23 8.38 1.88
N GLY B 46 -32.26 9.52 1.20
CA GLY B 46 -31.56 10.70 1.68
C GLY B 46 -30.06 10.55 1.51
N ARG B 47 -29.35 11.58 1.94
CA ARG B 47 -27.90 11.58 1.79
C ARG B 47 -27.26 10.69 2.85
N ILE B 48 -26.22 9.97 2.45
CA ILE B 48 -25.54 9.04 3.34
C ILE B 48 -24.09 9.48 3.49
N GLN B 49 -23.81 10.25 4.54
CA GLN B 49 -22.47 10.83 4.75
C GLN B 49 -21.63 9.89 5.61
N MET B 50 -21.20 8.79 5.01
CA MET B 50 -20.24 7.91 5.67
C MET B 50 -18.89 8.58 5.76
N ARG B 51 -18.21 8.36 6.89
CA ARG B 51 -16.89 8.93 7.12
C ARG B 51 -15.89 7.82 7.38
N THR B 52 -14.64 8.06 6.97
CA THR B 52 -13.56 7.09 7.19
C THR B 52 -13.30 6.99 8.68
N ARG B 53 -13.66 5.84 9.26
CA ARG B 53 -13.40 5.60 10.67
C ARG B 53 -12.03 5.02 10.92
N ARG B 54 -11.48 4.27 9.97
CA ARG B 54 -10.15 3.70 10.09
C ARG B 54 -9.49 3.73 8.72
N THR B 55 -8.16 3.90 8.73
CA THR B 55 -7.35 3.75 7.53
C THR B 55 -6.23 2.76 7.85
N LEU B 56 -6.14 1.70 7.05
CA LEU B 56 -5.19 0.63 7.28
C LEU B 56 -3.99 0.84 6.35
N ARG B 57 -2.82 1.06 6.94
CA ARG B 57 -1.66 1.61 6.24
C ARG B 57 -0.60 0.57 5.90
N GLY B 58 -0.93 -0.72 5.96
CA GLY B 58 0.11 -1.74 5.93
C GLY B 58 0.75 -2.06 4.60
N HIS B 59 -0.01 -2.04 3.52
CA HIS B 59 0.46 -2.61 2.27
C HIS B 59 1.50 -1.73 1.60
N LEU B 60 2.37 -2.37 0.83
CA LEU B 60 3.39 -1.69 0.03
C LEU B 60 2.90 -1.30 -1.35
N ALA B 61 2.14 -2.18 -1.99
CA ALA B 61 1.72 -2.05 -3.38
C ALA B 61 0.20 -1.96 -3.45
N LYS B 62 -0.31 -2.03 -4.68
CA LYS B 62 -1.74 -1.88 -4.92
C LYS B 62 -2.52 -2.98 -4.22
N ILE B 63 -3.67 -2.64 -3.60
CA ILE B 63 -4.52 -3.61 -2.93
C ILE B 63 -5.51 -4.14 -3.90
N TYR B 64 -5.26 -5.31 -4.44
CA TYR B 64 -6.15 -5.94 -5.38
C TYR B 64 -7.49 -6.45 -4.89
N ALA B 65 -7.56 -7.03 -3.70
CA ALA B 65 -8.79 -7.58 -3.15
C ALA B 65 -8.86 -7.59 -1.64
N MET B 66 -10.05 -7.66 -1.03
CA MET B 66 -10.22 -7.83 0.41
C MET B 66 -11.48 -8.63 0.66
N HIS B 67 -11.55 -9.24 1.84
CA HIS B 67 -12.74 -9.96 2.25
C HIS B 67 -12.87 -9.89 3.77
N TRP B 68 -14.11 -9.81 4.23
CA TRP B 68 -14.41 -9.75 5.64
C TRP B 68 -14.52 -11.14 6.24
N GLY B 69 -14.23 -11.24 7.53
CA GLY B 69 -14.62 -12.41 8.29
C GLY B 69 -16.10 -12.40 8.60
N THR B 70 -16.62 -13.58 8.96
CA THR B 70 -18.04 -13.65 9.29
C THR B 70 -18.34 -13.01 10.64
N ASP B 71 -17.45 -13.18 11.61
CA ASP B 71 -17.47 -12.35 12.81
C ASP B 71 -16.79 -11.04 12.43
N SER B 72 -17.58 -10.13 11.86
CA SER B 72 -17.05 -9.08 10.98
C SER B 72 -16.22 -8.10 11.80
N ARG B 73 -15.04 -8.57 12.21
CA ARG B 73 -14.05 -7.69 12.80
C ARG B 73 -12.70 -7.88 12.10
N LEU B 74 -12.39 -9.12 11.72
CA LEU B 74 -11.16 -9.39 10.99
C LEU B 74 -11.38 -9.21 9.50
N LEU B 75 -10.28 -8.91 8.80
CA LEU B 75 -10.37 -8.46 7.41
C LEU B 75 -9.07 -8.78 6.71
N VAL B 76 -9.13 -9.64 5.68
CA VAL B 76 -7.96 -9.98 4.87
C VAL B 76 -7.91 -9.05 3.68
N SER B 77 -6.69 -8.74 3.22
CA SER B 77 -6.51 -7.90 2.05
C SER B 77 -5.23 -8.31 1.32
N ALA B 78 -5.27 -8.24 0.00
CA ALA B 78 -4.19 -8.73 -0.85
C ALA B 78 -3.62 -7.58 -1.66
N SER B 79 -2.32 -7.62 -1.90
CA SER B 79 -1.65 -6.58 -2.68
C SER B 79 -0.58 -7.23 -3.55
N GLN B 80 -0.21 -6.53 -4.61
CA GLN B 80 0.73 -7.06 -5.59
C GLN B 80 2.14 -7.16 -5.06
N ASP B 81 2.40 -6.74 -3.83
CA ASP B 81 3.71 -6.91 -3.22
C ASP B 81 3.94 -8.32 -2.71
N GLY B 82 2.92 -9.17 -2.77
CA GLY B 82 3.04 -10.54 -2.32
C GLY B 82 2.70 -10.77 -0.87
N LYS B 83 1.91 -9.87 -0.27
CA LYS B 83 1.49 -10.00 1.11
C LYS B 83 -0.02 -10.11 1.20
N LEU B 84 -0.48 -10.97 2.09
CA LEU B 84 -1.81 -10.87 2.65
C LEU B 84 -1.68 -10.40 4.10
N ILE B 85 -2.49 -9.41 4.47
CA ILE B 85 -2.52 -8.91 5.83
C ILE B 85 -3.91 -9.19 6.40
N ILE B 86 -3.96 -9.83 7.55
CA ILE B 86 -5.20 -10.02 8.28
C ILE B 86 -5.33 -8.85 9.24
N TRP B 87 -6.36 -8.04 9.06
CA TRP B 87 -6.53 -6.80 9.79
C TRP B 87 -7.59 -6.97 10.87
N ASP B 88 -7.30 -6.45 12.06
CA ASP B 88 -8.30 -6.28 13.09
C ASP B 88 -8.88 -4.88 12.92
N SER B 89 -10.05 -4.79 12.30
CA SER B 89 -10.59 -3.50 11.91
C SER B 89 -10.81 -2.59 13.11
N TYR B 90 -11.20 -3.15 14.26
CA TYR B 90 -11.50 -2.32 15.41
C TYR B 90 -10.24 -1.64 15.93
N THR B 91 -9.16 -2.39 16.10
CA THR B 91 -7.92 -1.87 16.66
C THR B 91 -6.92 -1.43 15.59
N THR B 92 -7.20 -1.69 14.31
CA THR B 92 -6.29 -1.43 13.21
C THR B 92 -5.02 -2.27 13.28
N ASN B 93 -4.96 -3.21 14.23
CA ASN B 93 -3.78 -4.05 14.34
C ASN B 93 -3.70 -5.03 13.18
N LYS B 94 -2.48 -5.45 12.87
CA LYS B 94 -2.24 -6.49 11.89
C LYS B 94 -2.17 -7.83 12.61
N VAL B 95 -3.12 -8.72 12.33
CA VAL B 95 -3.16 -10.02 12.98
C VAL B 95 -2.12 -10.94 12.38
N HIS B 96 -2.09 -11.05 11.05
CA HIS B 96 -1.11 -11.86 10.34
C HIS B 96 -0.66 -11.10 9.10
N ALA B 97 0.58 -11.35 8.70
CA ALA B 97 1.09 -10.94 7.40
C ALA B 97 1.65 -12.17 6.73
N ILE B 98 1.07 -12.54 5.60
CA ILE B 98 1.31 -13.83 4.96
C ILE B 98 2.18 -13.59 3.72
N PRO B 99 3.43 -14.04 3.70
CA PRO B 99 4.23 -13.92 2.47
C PRO B 99 3.74 -14.91 1.43
N LEU B 100 3.47 -14.40 0.23
CA LEU B 100 2.99 -15.23 -0.87
C LEU B 100 4.14 -15.69 -1.75
N ARG B 101 3.96 -16.87 -2.34
CA ARG B 101 4.93 -17.39 -3.30
C ARG B 101 4.77 -16.78 -4.69
N SER B 102 3.66 -16.10 -4.95
CA SER B 102 3.42 -15.40 -6.20
C SER B 102 3.04 -13.97 -5.88
N SER B 103 3.69 -13.02 -6.56
CA SER B 103 3.51 -11.62 -6.21
C SER B 103 2.17 -11.08 -6.68
N TRP B 104 1.65 -11.62 -7.77
CA TRP B 104 0.51 -11.02 -8.48
C TRP B 104 -0.82 -11.62 -8.03
N VAL B 105 -1.12 -11.49 -6.74
CA VAL B 105 -2.37 -11.99 -6.18
C VAL B 105 -3.50 -11.06 -6.61
N MET B 106 -4.52 -11.63 -7.24
CA MET B 106 -5.65 -10.86 -7.74
C MET B 106 -6.92 -11.05 -6.93
N THR B 107 -6.98 -12.04 -6.06
CA THR B 107 -8.16 -12.26 -5.25
C THR B 107 -7.76 -12.93 -3.94
N CYS B 108 -8.56 -12.69 -2.91
CA CYS B 108 -8.38 -13.37 -1.64
C CYS B 108 -9.75 -13.55 -0.99
N ALA B 109 -9.84 -14.54 -0.10
CA ALA B 109 -11.08 -14.85 0.58
C ALA B 109 -10.77 -15.29 2.00
N TYR B 110 -11.73 -15.04 2.88
CA TYR B 110 -11.66 -15.48 4.28
C TYR B 110 -12.70 -16.59 4.46
N ALA B 111 -12.25 -17.75 4.93
CA ALA B 111 -13.16 -18.85 5.12
C ALA B 111 -14.24 -18.44 6.13
N PRO B 112 -15.49 -18.86 5.94
CA PRO B 112 -16.54 -18.44 6.88
C PRO B 112 -16.29 -18.88 8.30
N SER B 113 -15.56 -19.97 8.51
CA SER B 113 -15.18 -20.38 9.85
C SER B 113 -14.05 -19.53 10.41
N GLY B 114 -13.40 -18.73 9.57
CA GLY B 114 -12.26 -17.95 9.99
C GLY B 114 -10.98 -18.73 10.12
N ASN B 115 -10.99 -20.02 9.76
CA ASN B 115 -9.81 -20.85 9.91
C ASN B 115 -8.85 -20.71 8.73
N TYR B 116 -9.32 -20.40 7.54
CA TYR B 116 -8.49 -20.40 6.36
C TYR B 116 -8.58 -19.15 5.57
N VAL B 117 -7.56 -18.80 4.77
CA VAL B 117 -7.61 -17.65 3.88
C VAL B 117 -7.08 -18.07 2.55
N ALA B 118 -7.84 -17.90 1.48
CA ALA B 118 -7.42 -18.30 0.16
C ALA B 118 -6.95 -17.15 -0.62
N CYS B 119 -6.07 -17.34 -1.59
CA CYS B 119 -5.68 -16.26 -2.49
C CYS B 119 -5.12 -16.86 -3.77
N GLY B 120 -5.12 -16.05 -4.82
CA GLY B 120 -4.64 -16.49 -6.11
C GLY B 120 -4.52 -15.31 -7.06
N GLY B 121 -4.01 -15.60 -8.25
CA GLY B 121 -3.80 -14.58 -9.25
C GLY B 121 -3.21 -15.12 -10.54
N LEU B 122 -2.23 -14.41 -11.09
CA LEU B 122 -1.59 -14.86 -12.32
C LEU B 122 -0.87 -16.19 -12.16
N ASP B 123 -0.60 -16.61 -10.92
CA ASP B 123 0.01 -17.91 -10.70
C ASP B 123 -0.90 -19.05 -11.17
N ASN B 124 -2.20 -18.78 -11.31
CA ASN B 124 -3.19 -19.81 -11.65
C ASN B 124 -3.34 -20.84 -10.55
N ILE B 125 -2.89 -20.52 -9.33
CA ILE B 125 -2.89 -21.45 -8.21
C ILE B 125 -3.71 -20.83 -7.10
N CYS B 126 -4.70 -21.57 -6.60
CA CYS B 126 -5.50 -21.16 -5.45
C CYS B 126 -4.80 -21.69 -4.19
N SER B 127 -4.10 -20.80 -3.49
CA SER B 127 -3.35 -21.17 -2.30
C SER B 127 -4.24 -20.98 -1.08
N ILE B 128 -4.55 -22.09 -0.40
CA ILE B 128 -5.37 -22.07 0.80
C ILE B 128 -4.45 -22.07 2.01
N TYR B 129 -4.56 -21.03 2.83
CA TYR B 129 -3.67 -20.83 3.97
C TYR B 129 -4.38 -21.17 5.26
N ASN B 130 -3.72 -21.95 6.11
CA ASN B 130 -4.27 -22.34 7.40
C ASN B 130 -3.82 -21.34 8.45
N LEU B 131 -4.78 -20.60 9.02
CA LEU B 131 -4.45 -19.59 10.01
C LEU B 131 -4.34 -20.14 11.43
N LYS B 132 -4.86 -21.35 11.67
CA LYS B 132 -4.97 -21.89 13.02
C LYS B 132 -3.97 -23.03 13.26
N THR B 133 -2.78 -22.92 12.69
CA THR B 133 -1.77 -23.96 12.88
C THR B 133 -1.31 -23.99 14.33
N ARG B 134 -1.06 -25.22 14.83
CA ARG B 134 -0.45 -25.36 16.14
C ARG B 134 0.97 -24.82 16.19
N GLU B 135 1.63 -24.70 15.03
CA GLU B 135 2.96 -24.12 14.99
C GLU B 135 2.94 -22.62 15.22
N GLY B 136 1.77 -21.99 15.10
CA GLY B 136 1.63 -20.55 15.27
C GLY B 136 1.87 -19.75 14.02
N ASN B 137 2.59 -20.29 13.05
CA ASN B 137 2.75 -19.62 11.76
C ASN B 137 1.54 -19.89 10.87
N VAL B 138 1.43 -19.09 9.82
CA VAL B 138 0.42 -19.30 8.79
C VAL B 138 1.06 -20.08 7.65
N ARG B 139 0.37 -21.13 7.20
CA ARG B 139 0.98 -22.18 6.40
C ARG B 139 0.06 -22.54 5.24
N VAL B 140 0.66 -22.88 4.10
CA VAL B 140 -0.12 -23.29 2.94
C VAL B 140 -0.70 -24.68 3.18
N SER B 141 -2.02 -24.80 3.12
CA SER B 141 -2.65 -26.11 3.22
C SER B 141 -2.71 -26.79 1.87
N ARG B 142 -3.09 -26.07 0.83
CA ARG B 142 -3.20 -26.64 -0.51
C ARG B 142 -2.80 -25.57 -1.53
N GLU B 143 -2.27 -26.05 -2.65
CA GLU B 143 -2.02 -25.22 -3.84
C GLU B 143 -2.85 -25.83 -4.97
N LEU B 144 -4.12 -25.48 -4.95
CA LEU B 144 -5.05 -26.01 -5.88
C LEU B 144 -4.68 -25.58 -7.25
N ALA B 145 -4.34 -26.51 -8.13
CA ALA B 145 -3.85 -26.16 -9.44
C ALA B 145 -4.63 -26.90 -10.43
N GLY B 146 -4.94 -26.26 -11.52
CA GLY B 146 -5.80 -26.84 -12.50
C GLY B 146 -6.35 -25.84 -13.48
N HIS B 147 -6.41 -24.58 -13.11
CA HIS B 147 -6.84 -23.58 -14.03
C HIS B 147 -5.76 -23.28 -15.01
N THR B 148 -6.11 -23.23 -16.29
CA THR B 148 -5.19 -22.84 -17.35
C THR B 148 -5.18 -21.34 -17.57
N GLY B 149 -5.39 -20.57 -16.52
CA GLY B 149 -5.45 -19.12 -16.63
C GLY B 149 -5.50 -18.51 -15.25
N TYR B 150 -5.36 -17.19 -15.22
CA TYR B 150 -5.26 -16.48 -13.96
C TYR B 150 -6.55 -16.60 -13.15
N LEU B 151 -6.40 -16.68 -11.84
CA LEU B 151 -7.53 -16.68 -10.94
C LEU B 151 -8.03 -15.26 -10.74
N SER B 152 -9.34 -15.08 -10.81
CA SER B 152 -9.96 -13.78 -10.67
C SER B 152 -10.74 -13.61 -9.39
N CYS B 153 -11.33 -14.68 -8.86
CA CYS B 153 -12.09 -14.62 -7.63
C CYS B 153 -12.09 -15.98 -6.98
N CYS B 154 -12.07 -15.98 -5.64
CA CYS B 154 -12.15 -17.18 -4.83
C CYS B 154 -13.14 -16.93 -3.71
N ARG B 155 -13.99 -17.92 -3.43
CA ARG B 155 -14.96 -17.81 -2.34
C ARG B 155 -15.15 -19.17 -1.70
N PHE B 156 -15.07 -19.20 -0.36
CA PHE B 156 -15.27 -20.43 0.38
C PHE B 156 -16.75 -20.74 0.53
N LEU B 157 -17.11 -21.99 0.27
CA LEU B 157 -18.41 -22.50 0.69
C LEU B 157 -18.34 -23.11 2.08
N ASP B 158 -17.22 -23.74 2.39
CA ASP B 158 -16.95 -24.27 3.72
C ASP B 158 -15.45 -24.53 3.79
N ASP B 159 -15.01 -25.02 4.94
CA ASP B 159 -13.59 -25.30 5.12
C ASP B 159 -13.05 -26.30 4.12
N ASN B 160 -13.91 -27.00 3.37
CA ASN B 160 -13.47 -28.00 2.42
C ASN B 160 -13.87 -27.73 0.98
N GLN B 161 -14.73 -26.74 0.71
CA GLN B 161 -15.17 -26.44 -0.65
C GLN B 161 -14.89 -24.97 -0.95
N ILE B 162 -14.12 -24.73 -2.01
CA ILE B 162 -13.83 -23.38 -2.48
C ILE B 162 -14.14 -23.30 -3.97
N VAL B 163 -14.99 -22.36 -4.34
CA VAL B 163 -15.29 -22.09 -5.75
C VAL B 163 -14.30 -21.04 -6.25
N THR B 164 -13.93 -21.14 -7.52
CA THR B 164 -12.95 -20.25 -8.12
C THR B 164 -13.39 -19.87 -9.52
N SER B 165 -12.99 -18.67 -9.95
CA SER B 165 -13.16 -18.21 -11.31
C SER B 165 -11.80 -17.87 -11.89
N SER B 166 -11.64 -18.08 -13.19
CA SER B 166 -10.34 -17.92 -13.83
C SER B 166 -10.50 -17.32 -15.21
N GLY B 167 -9.40 -16.74 -15.70
CA GLY B 167 -9.35 -16.22 -17.06
C GLY B 167 -9.47 -17.27 -18.12
N ASP B 168 -9.39 -18.55 -17.76
CA ASP B 168 -9.60 -19.63 -18.69
C ASP B 168 -11.04 -19.82 -19.07
N THR B 169 -11.91 -18.91 -18.66
CA THR B 169 -13.33 -18.85 -18.98
C THR B 169 -14.16 -19.82 -18.15
N THR B 170 -13.57 -20.60 -17.26
CA THR B 170 -14.28 -21.59 -16.47
C THR B 170 -14.18 -21.30 -14.99
N CYS B 171 -15.29 -21.52 -14.28
CA CYS B 171 -15.29 -21.59 -12.83
C CYS B 171 -15.15 -23.04 -12.40
N ALA B 172 -14.73 -23.24 -11.16
CA ALA B 172 -14.48 -24.59 -10.67
C ALA B 172 -14.77 -24.66 -9.18
N LEU B 173 -15.32 -25.80 -8.75
CA LEU B 173 -15.55 -26.10 -7.35
C LEU B 173 -14.51 -27.13 -6.90
N TRP B 174 -13.80 -26.81 -5.84
CA TRP B 174 -12.65 -27.60 -5.40
C TRP B 174 -12.96 -28.31 -4.09
N ASP B 175 -12.54 -29.58 -4.01
CA ASP B 175 -12.47 -30.28 -2.73
C ASP B 175 -11.08 -30.05 -2.16
N ILE B 176 -11.00 -29.23 -1.10
CA ILE B 176 -9.69 -28.78 -0.64
C ILE B 176 -8.87 -29.95 -0.12
N GLU B 177 -9.49 -30.85 0.63
CA GLU B 177 -8.76 -32.00 1.16
C GLU B 177 -8.17 -32.83 0.04
N THR B 178 -8.98 -33.13 -0.98
CA THR B 178 -8.50 -33.92 -2.11
C THR B 178 -7.56 -33.12 -3.00
N GLY B 179 -7.76 -31.80 -3.07
CA GLY B 179 -7.02 -31.00 -4.02
C GLY B 179 -7.42 -31.26 -5.46
N GLN B 180 -8.71 -31.51 -5.70
CA GLN B 180 -9.20 -31.83 -7.02
C GLN B 180 -10.52 -31.11 -7.26
N GLN B 181 -10.82 -30.87 -8.54
CA GLN B 181 -12.03 -30.14 -8.91
C GLN B 181 -13.22 -31.06 -8.82
N THR B 182 -14.14 -30.77 -7.90
CA THR B 182 -15.35 -31.56 -7.78
C THR B 182 -16.24 -31.38 -9.00
N THR B 183 -16.37 -30.14 -9.48
CA THR B 183 -17.14 -29.87 -10.69
C THR B 183 -16.56 -28.63 -11.36
N THR B 184 -16.47 -28.69 -12.68
CA THR B 184 -16.00 -27.58 -13.50
C THR B 184 -17.18 -27.02 -14.28
N PHE B 185 -17.38 -25.72 -14.20
CA PHE B 185 -18.56 -25.08 -14.75
C PHE B 185 -18.29 -24.64 -16.18
N THR B 186 -19.12 -25.12 -17.12
CA THR B 186 -18.84 -24.96 -18.53
C THR B 186 -18.64 -23.49 -18.87
N GLY B 187 -17.57 -23.23 -19.61
CA GLY B 187 -17.02 -21.89 -19.72
C GLY B 187 -17.94 -20.78 -20.19
N HIS B 188 -17.67 -19.57 -19.72
CA HIS B 188 -18.13 -18.37 -20.38
C HIS B 188 -17.46 -18.25 -21.75
N THR B 189 -17.89 -17.24 -22.51
CA THR B 189 -17.19 -16.95 -23.75
C THR B 189 -15.86 -16.25 -23.48
N GLY B 190 -15.76 -15.50 -22.39
CA GLY B 190 -14.54 -14.80 -22.05
C GLY B 190 -14.06 -15.04 -20.64
N ASP B 191 -13.07 -14.26 -20.20
CA ASP B 191 -12.51 -14.43 -18.87
C ASP B 191 -13.56 -14.17 -17.80
N VAL B 192 -13.66 -15.08 -16.84
CA VAL B 192 -14.55 -14.90 -15.70
C VAL B 192 -13.86 -14.00 -14.68
N MET B 193 -14.55 -12.92 -14.28
CA MET B 193 -13.93 -11.86 -13.49
C MET B 193 -14.46 -11.75 -12.07
N SER B 194 -15.70 -12.18 -11.80
CA SER B 194 -16.28 -11.99 -10.48
C SER B 194 -17.20 -13.16 -10.13
N LEU B 195 -17.26 -13.46 -8.84
CA LEU B 195 -18.15 -14.49 -8.30
C LEU B 195 -18.82 -13.95 -7.04
N SER B 196 -20.02 -14.47 -6.77
CA SER B 196 -20.66 -14.22 -5.49
C SER B 196 -21.55 -15.41 -5.15
N LEU B 197 -21.28 -16.03 -4.00
CA LEU B 197 -22.07 -17.16 -3.55
C LEU B 197 -23.41 -16.69 -3.03
N ALA B 198 -24.46 -17.44 -3.34
CA ALA B 198 -25.77 -17.14 -2.78
C ALA B 198 -25.73 -17.39 -1.28
N PRO B 199 -26.54 -16.67 -0.49
CA PRO B 199 -26.51 -16.88 0.96
C PRO B 199 -26.80 -18.31 1.37
N ASP B 200 -27.66 -19.01 0.64
CA ASP B 200 -27.89 -20.43 0.91
C ASP B 200 -26.71 -21.29 0.49
N THR B 201 -25.75 -20.75 -0.26
CA THR B 201 -24.54 -21.43 -0.69
C THR B 201 -24.83 -22.56 -1.66
N ARG B 202 -26.05 -22.67 -2.17
CA ARG B 202 -26.35 -23.65 -3.21
C ARG B 202 -26.17 -23.10 -4.60
N LEU B 203 -26.47 -21.81 -4.80
CA LEU B 203 -26.26 -21.12 -6.06
C LEU B 203 -25.09 -20.15 -5.95
N PHE B 204 -24.49 -19.84 -7.09
CA PHE B 204 -23.56 -18.73 -7.20
C PHE B 204 -23.63 -18.17 -8.60
N VAL B 205 -23.32 -16.87 -8.71
CA VAL B 205 -23.42 -16.15 -9.97
C VAL B 205 -22.03 -15.65 -10.34
N SER B 206 -21.71 -15.72 -11.63
CA SER B 206 -20.39 -15.39 -12.14
C SER B 206 -20.51 -14.39 -13.28
N GLY B 207 -19.59 -13.44 -13.32
CA GLY B 207 -19.53 -12.46 -14.38
C GLY B 207 -18.22 -12.60 -15.13
N ALA B 208 -18.28 -12.44 -16.46
CA ALA B 208 -17.13 -12.66 -17.31
C ALA B 208 -16.92 -11.46 -18.22
N CYS B 209 -15.86 -11.52 -19.01
CA CYS B 209 -15.53 -10.41 -19.89
C CYS B 209 -16.45 -10.32 -21.09
N ASP B 210 -17.12 -11.42 -21.44
CA ASP B 210 -18.31 -11.29 -22.25
C ASP B 210 -19.40 -10.65 -21.40
N ALA B 211 -20.26 -9.87 -22.05
CA ALA B 211 -21.19 -9.03 -21.32
C ALA B 211 -22.36 -9.86 -20.78
N SER B 212 -22.06 -10.88 -19.99
CA SER B 212 -23.09 -11.76 -19.46
C SER B 212 -22.67 -12.25 -18.08
N ALA B 213 -23.68 -12.57 -17.27
CA ALA B 213 -23.49 -13.18 -15.96
C ALA B 213 -24.33 -14.45 -15.91
N LYS B 214 -23.74 -15.51 -15.36
CA LYS B 214 -24.32 -16.85 -15.39
C LYS B 214 -24.60 -17.34 -13.98
N LEU B 215 -25.84 -17.76 -13.73
CA LEU B 215 -26.21 -18.38 -12.47
C LEU B 215 -25.91 -19.87 -12.53
N TRP B 216 -25.16 -20.37 -11.56
CA TRP B 216 -24.69 -21.75 -11.56
C TRP B 216 -25.26 -22.50 -10.36
N ASP B 217 -25.57 -23.77 -10.57
CA ASP B 217 -25.94 -24.67 -9.48
C ASP B 217 -24.68 -25.40 -9.01
N VAL B 218 -24.35 -25.26 -7.73
CA VAL B 218 -23.11 -25.84 -7.22
C VAL B 218 -23.19 -27.36 -7.20
N ARG B 219 -24.39 -27.92 -7.00
CA ARG B 219 -24.50 -29.37 -6.88
C ARG B 219 -24.03 -30.08 -8.14
N GLU B 220 -24.40 -29.56 -9.31
CA GLU B 220 -23.78 -29.99 -10.56
C GLU B 220 -23.73 -28.80 -11.50
N GLY B 221 -22.67 -28.72 -12.30
CA GLY B 221 -22.31 -27.49 -12.98
C GLY B 221 -23.15 -27.17 -14.19
N MET B 222 -24.40 -26.75 -13.96
CA MET B 222 -25.29 -26.30 -15.02
C MET B 222 -25.61 -24.83 -14.77
N CYS B 223 -25.43 -24.00 -15.80
CA CYS B 223 -25.74 -22.58 -15.70
C CYS B 223 -27.24 -22.39 -15.89
N ARG B 224 -27.97 -22.44 -14.77
CA ARG B 224 -29.42 -22.40 -14.82
C ARG B 224 -29.92 -21.19 -15.60
N GLN B 225 -29.23 -20.06 -15.49
CA GLN B 225 -29.67 -18.85 -16.18
C GLN B 225 -28.46 -18.05 -16.61
N THR B 226 -28.59 -17.37 -17.75
CA THR B 226 -27.59 -16.43 -18.23
C THR B 226 -28.24 -15.07 -18.45
N PHE B 227 -27.67 -14.04 -17.83
CA PHE B 227 -28.19 -12.69 -17.90
C PHE B 227 -27.34 -11.89 -18.88
N THR B 228 -28.00 -11.21 -19.81
CA THR B 228 -27.35 -10.81 -21.05
C THR B 228 -27.66 -9.35 -21.39
N GLY B 229 -27.52 -8.46 -20.41
CA GLY B 229 -27.57 -7.04 -20.74
C GLY B 229 -26.40 -6.29 -20.16
N HIS B 230 -25.53 -5.82 -21.05
CA HIS B 230 -24.32 -5.11 -20.71
C HIS B 230 -23.60 -4.81 -22.01
N GLU B 231 -22.71 -3.83 -22.03
CA GLU B 231 -22.03 -3.43 -23.23
C GLU B 231 -20.64 -3.33 -22.72
N SER B 232 -20.14 -4.34 -22.05
CA SER B 232 -18.91 -4.21 -21.29
C SER B 232 -18.49 -5.52 -20.65
N ASP B 233 -17.39 -5.53 -19.91
CA ASP B 233 -16.91 -6.68 -19.22
C ASP B 233 -17.38 -6.55 -17.77
N ILE B 234 -17.94 -7.57 -17.14
CA ILE B 234 -18.49 -7.54 -15.79
C ILE B 234 -17.37 -7.74 -14.77
N ASN B 235 -16.84 -6.63 -14.25
CA ASN B 235 -15.74 -6.69 -13.30
C ASN B 235 -16.18 -7.11 -11.90
N ALA B 236 -17.43 -6.89 -11.53
CA ALA B 236 -17.86 -7.09 -10.15
C ALA B 236 -19.27 -7.67 -10.14
N ILE B 237 -19.54 -8.53 -9.16
CA ILE B 237 -20.85 -9.14 -9.00
C ILE B 237 -21.08 -9.40 -7.51
N CYS B 238 -22.33 -9.19 -7.07
CA CYS B 238 -22.69 -9.38 -5.69
C CYS B 238 -24.16 -9.76 -5.59
N PHE B 239 -24.46 -10.71 -4.71
CA PHE B 239 -25.83 -11.15 -4.52
C PHE B 239 -26.60 -10.19 -3.62
N PHE B 240 -27.85 -9.95 -3.98
CA PHE B 240 -28.77 -9.28 -3.06
C PHE B 240 -28.93 -10.16 -1.82
N PRO B 241 -29.06 -9.57 -0.63
CA PRO B 241 -28.94 -10.38 0.60
C PRO B 241 -29.89 -11.56 0.66
N ASN B 242 -31.06 -11.51 0.02
CA ASN B 242 -31.97 -12.64 0.06
C ASN B 242 -31.70 -13.67 -1.02
N GLY B 243 -30.75 -13.40 -1.93
CA GLY B 243 -30.37 -14.36 -2.94
C GLY B 243 -31.29 -14.46 -4.13
N ASN B 244 -32.33 -13.64 -4.21
CA ASN B 244 -33.22 -13.63 -5.36
C ASN B 244 -32.79 -12.65 -6.44
N ALA B 245 -31.84 -11.76 -6.15
CA ALA B 245 -31.33 -10.84 -7.14
C ALA B 245 -29.83 -10.65 -6.92
N PHE B 246 -29.14 -10.19 -7.96
CA PHE B 246 -27.71 -9.93 -7.87
C PHE B 246 -27.37 -8.70 -8.70
N ALA B 247 -26.44 -7.91 -8.17
CA ALA B 247 -25.98 -6.71 -8.86
C ALA B 247 -24.69 -6.99 -9.60
N THR B 248 -24.52 -6.28 -10.71
CA THR B 248 -23.35 -6.42 -11.57
C THR B 248 -22.68 -5.07 -11.73
N GLY B 249 -21.37 -5.10 -11.97
CA GLY B 249 -20.64 -3.91 -12.31
C GLY B 249 -19.76 -4.15 -13.51
N SER B 250 -19.61 -3.16 -14.37
CA SER B 250 -18.89 -3.36 -15.62
C SER B 250 -18.27 -2.06 -16.07
N ASP B 251 -17.35 -2.16 -17.02
CA ASP B 251 -16.57 -1.01 -17.45
C ASP B 251 -17.33 -0.09 -18.40
N ASP B 252 -18.62 -0.34 -18.65
CA ASP B 252 -19.47 0.65 -19.29
C ASP B 252 -19.99 1.69 -18.30
N ALA B 253 -19.48 1.68 -17.08
CA ALA B 253 -19.85 2.63 -16.04
C ALA B 253 -21.30 2.48 -15.59
N THR B 254 -21.87 1.28 -15.74
CA THR B 254 -23.22 1.00 -15.26
C THR B 254 -23.22 -0.22 -14.36
N CYS B 255 -23.96 -0.14 -13.26
CA CYS B 255 -24.36 -1.30 -12.48
C CYS B 255 -25.78 -1.67 -12.84
N ARG B 256 -26.06 -2.97 -12.90
CA ARG B 256 -27.39 -3.44 -13.25
C ARG B 256 -27.83 -4.53 -12.28
N LEU B 257 -29.08 -4.42 -11.84
CA LEU B 257 -29.65 -5.34 -10.87
C LEU B 257 -30.50 -6.37 -11.62
N PHE B 258 -30.14 -7.64 -11.48
CA PHE B 258 -30.80 -8.74 -12.16
C PHE B 258 -31.60 -9.57 -11.16
N ASP B 259 -32.77 -10.03 -11.57
CA ASP B 259 -33.63 -10.87 -10.74
C ASP B 259 -33.59 -12.30 -11.24
N LEU B 260 -33.33 -13.25 -10.34
CA LEU B 260 -33.20 -14.64 -10.75
C LEU B 260 -34.54 -15.31 -11.03
N ARG B 261 -35.65 -14.67 -10.67
CA ARG B 261 -36.97 -15.24 -10.90
C ARG B 261 -37.72 -14.59 -12.06
N ALA B 262 -37.46 -13.32 -12.33
CA ALA B 262 -37.94 -12.68 -13.55
C ALA B 262 -36.95 -12.81 -14.70
N ASP B 263 -35.74 -13.29 -14.43
CA ASP B 263 -34.76 -13.60 -15.48
C ASP B 263 -34.45 -12.39 -16.35
N GLN B 264 -34.41 -11.20 -15.76
CA GLN B 264 -34.11 -10.00 -16.53
C GLN B 264 -33.64 -8.89 -15.61
N GLU B 265 -33.08 -7.85 -16.23
CA GLU B 265 -32.57 -6.69 -15.51
C GLU B 265 -33.72 -5.86 -14.96
N LEU B 266 -33.70 -5.60 -13.65
CA LEU B 266 -34.70 -4.74 -13.04
C LEU B 266 -34.34 -3.27 -13.15
N MET B 267 -33.07 -2.92 -12.93
CA MET B 267 -32.68 -1.54 -12.73
C MET B 267 -31.27 -1.32 -13.25
N THR B 268 -31.02 -0.14 -13.81
CA THR B 268 -29.71 0.25 -14.29
C THR B 268 -29.26 1.49 -13.53
N TYR B 269 -28.17 1.38 -12.79
CA TYR B 269 -27.64 2.49 -12.01
C TYR B 269 -26.58 3.18 -12.83
N SER B 270 -26.93 4.33 -13.43
CA SER B 270 -26.04 5.03 -14.33
C SER B 270 -26.29 6.53 -14.21
N HIS B 271 -25.21 7.29 -14.38
CA HIS B 271 -25.28 8.75 -14.37
C HIS B 271 -24.28 9.26 -15.41
N ASP B 272 -24.67 10.33 -16.12
CA ASP B 272 -23.88 10.77 -17.26
C ASP B 272 -22.47 11.19 -16.86
N ASN B 273 -22.29 11.68 -15.64
CA ASN B 273 -20.96 12.11 -15.21
C ASN B 273 -20.01 10.95 -14.95
N ILE B 274 -20.50 9.72 -14.97
CA ILE B 274 -19.69 8.54 -14.65
C ILE B 274 -19.30 7.89 -15.97
N ILE B 275 -18.12 8.25 -16.47
CA ILE B 275 -17.55 7.55 -17.61
C ILE B 275 -16.61 6.41 -17.20
N CYS B 276 -16.17 6.40 -15.94
CA CYS B 276 -15.21 5.41 -15.47
C CYS B 276 -15.88 4.07 -15.20
N GLY B 277 -15.12 3.01 -15.39
CA GLY B 277 -15.63 1.67 -15.15
C GLY B 277 -15.79 1.37 -13.67
N ILE B 278 -16.53 0.30 -13.39
CA ILE B 278 -16.84 -0.12 -12.03
C ILE B 278 -15.98 -1.33 -11.69
N THR B 279 -15.34 -1.30 -10.53
CA THR B 279 -14.37 -2.31 -10.13
C THR B 279 -14.88 -3.28 -9.08
N SER B 280 -15.82 -2.84 -8.23
CA SER B 280 -16.35 -3.70 -7.18
C SER B 280 -17.76 -3.27 -6.87
N VAL B 281 -18.57 -4.22 -6.39
CA VAL B 281 -19.95 -3.97 -6.03
C VAL B 281 -20.29 -4.75 -4.76
N SER B 282 -21.04 -4.11 -3.86
CA SER B 282 -21.53 -4.78 -2.67
C SER B 282 -22.80 -4.09 -2.19
N PHE B 283 -23.69 -4.87 -1.58
CA PHE B 283 -24.90 -4.36 -0.98
C PHE B 283 -24.71 -4.09 0.50
N SER B 284 -25.57 -3.25 1.05
CA SER B 284 -25.73 -3.17 2.49
C SER B 284 -26.62 -4.31 2.97
N LYS B 285 -26.67 -4.49 4.30
CA LYS B 285 -27.39 -5.63 4.85
C LYS B 285 -28.87 -5.62 4.46
N SER B 286 -29.50 -4.45 4.50
CA SER B 286 -30.92 -4.34 4.18
C SER B 286 -31.18 -4.42 2.68
N GLY B 287 -30.18 -4.12 1.85
CA GLY B 287 -30.36 -4.12 0.41
C GLY B 287 -30.75 -2.80 -0.20
N ARG B 288 -31.04 -1.76 0.59
CA ARG B 288 -31.36 -0.46 0.01
C ARG B 288 -30.15 0.18 -0.63
N LEU B 289 -28.97 -0.03 -0.08
CA LEU B 289 -27.76 0.61 -0.56
C LEU B 289 -26.96 -0.38 -1.40
N LEU B 290 -26.62 0.02 -2.62
CA LEU B 290 -25.69 -0.68 -3.47
C LEU B 290 -24.44 0.16 -3.57
N LEU B 291 -23.32 -0.37 -3.08
CA LEU B 291 -22.05 0.36 -3.07
C LEU B 291 -21.18 -0.13 -4.21
N ALA B 292 -20.74 0.80 -5.05
CA ALA B 292 -19.97 0.49 -6.25
C ALA B 292 -18.67 1.27 -6.22
N GLY B 293 -17.57 0.59 -6.51
CA GLY B 293 -16.27 1.22 -6.68
C GLY B 293 -16.01 1.53 -8.14
N TYR B 294 -15.27 2.61 -8.38
CA TYR B 294 -15.07 3.12 -9.72
C TYR B 294 -13.60 3.42 -9.96
N ASP B 295 -13.22 3.44 -11.24
CA ASP B 295 -11.87 3.82 -11.61
C ASP B 295 -11.56 5.28 -11.29
N ASP B 296 -12.59 6.11 -11.12
CA ASP B 296 -12.39 7.53 -10.86
C ASP B 296 -12.00 7.81 -9.41
N PHE B 297 -11.57 6.80 -8.67
CA PHE B 297 -11.09 6.88 -7.29
C PHE B 297 -12.23 7.01 -6.29
N ASN B 298 -13.48 7.05 -6.72
CA ASN B 298 -14.61 7.20 -5.81
C ASN B 298 -15.38 5.89 -5.67
N CYS B 299 -16.12 5.79 -4.57
CA CYS B 299 -17.13 4.77 -4.38
C CYS B 299 -18.48 5.45 -4.18
N ASN B 300 -19.48 5.00 -4.92
CA ASN B 300 -20.80 5.62 -4.92
C ASN B 300 -21.79 4.69 -4.23
N VAL B 301 -22.66 5.28 -3.42
CA VAL B 301 -23.74 4.56 -2.76
C VAL B 301 -25.01 4.82 -3.56
N TRP B 302 -25.66 3.76 -4.01
CA TRP B 302 -26.84 3.85 -4.86
C TRP B 302 -28.05 3.32 -4.10
N ASP B 303 -29.16 4.04 -4.19
CA ASP B 303 -30.43 3.53 -3.70
C ASP B 303 -30.86 2.37 -4.60
N ALA B 304 -30.71 1.15 -4.11
CA ALA B 304 -30.94 -0.02 -4.95
C ALA B 304 -32.36 -0.07 -5.50
N LEU B 305 -33.31 0.61 -4.85
CA LEU B 305 -34.69 0.62 -5.30
C LEU B 305 -34.99 1.81 -6.19
N LYS B 306 -34.72 3.03 -5.71
CA LYS B 306 -35.02 4.24 -6.46
C LYS B 306 -34.01 4.53 -7.57
N ALA B 307 -32.82 3.93 -7.50
CA ALA B 307 -31.72 4.12 -8.45
C ALA B 307 -31.00 5.45 -8.27
N ASP B 308 -31.41 6.29 -7.33
CA ASP B 308 -30.72 7.55 -7.11
C ASP B 308 -29.42 7.33 -6.36
N ARG B 309 -28.47 8.23 -6.56
CA ARG B 309 -27.21 8.17 -5.84
C ARG B 309 -27.40 8.76 -4.45
N ALA B 310 -27.09 7.98 -3.41
CA ALA B 310 -27.29 8.41 -2.04
C ALA B 310 -26.08 9.13 -1.46
N GLY B 311 -24.90 8.93 -2.02
CA GLY B 311 -23.71 9.54 -1.46
C GLY B 311 -22.48 9.00 -2.14
N VAL B 312 -21.32 9.48 -1.68
CA VAL B 312 -20.05 9.07 -2.25
C VAL B 312 -19.03 8.90 -1.13
N LEU B 313 -18.17 7.90 -1.29
CA LEU B 313 -17.00 7.72 -0.44
C LEU B 313 -15.80 8.19 -1.25
N ALA B 314 -15.16 9.27 -0.79
CA ALA B 314 -14.24 10.03 -1.62
C ALA B 314 -12.79 9.99 -1.16
N GLY B 315 -12.46 9.16 -0.17
CA GLY B 315 -11.16 9.28 0.46
C GLY B 315 -9.97 8.72 -0.30
N HIS B 316 -10.20 7.95 -1.35
CA HIS B 316 -9.10 7.29 -2.04
C HIS B 316 -8.50 8.19 -3.11
N ASP B 317 -7.19 8.02 -3.32
CA ASP B 317 -6.43 8.81 -4.28
C ASP B 317 -6.02 8.00 -5.50
N ASN B 318 -6.52 6.78 -5.64
CA ASN B 318 -6.25 5.95 -6.80
C ASN B 318 -7.42 5.01 -6.99
N ARG B 319 -7.38 4.23 -8.06
CA ARG B 319 -8.48 3.34 -8.41
C ARG B 319 -9.00 2.57 -7.21
N VAL B 320 -10.29 2.71 -6.92
CA VAL B 320 -10.91 1.86 -5.92
C VAL B 320 -10.95 0.45 -6.45
N SER B 321 -10.33 -0.48 -5.73
CA SER B 321 -10.08 -1.82 -6.24
C SER B 321 -11.03 -2.86 -5.70
N CYS B 322 -11.35 -2.79 -4.41
CA CYS B 322 -12.21 -3.78 -3.77
C CYS B 322 -12.97 -3.13 -2.63
N LEU B 323 -14.20 -3.59 -2.42
CA LEU B 323 -14.99 -3.11 -1.31
C LEU B 323 -15.92 -4.22 -0.83
N GLY B 324 -16.23 -4.21 0.46
CA GLY B 324 -17.09 -5.21 1.04
C GLY B 324 -17.75 -4.74 2.33
N VAL B 325 -19.03 -5.10 2.49
CA VAL B 325 -19.82 -4.69 3.65
C VAL B 325 -19.83 -5.82 4.66
N THR B 326 -19.58 -5.49 5.93
CA THR B 326 -19.57 -6.49 6.98
C THR B 326 -20.89 -7.25 7.02
N ASP B 327 -20.83 -8.49 7.50
CA ASP B 327 -22.04 -9.30 7.60
C ASP B 327 -23.05 -8.69 8.56
N ASP B 328 -22.61 -7.90 9.53
CA ASP B 328 -23.52 -7.18 10.41
C ASP B 328 -23.88 -5.80 9.88
N GLY B 329 -23.34 -5.40 8.73
CA GLY B 329 -23.69 -4.13 8.12
C GLY B 329 -23.11 -2.91 8.80
N MET B 330 -22.23 -3.10 9.78
CA MET B 330 -21.71 -1.95 10.51
C MET B 330 -20.83 -1.07 9.64
N ALA B 331 -20.02 -1.66 8.75
CA ALA B 331 -18.96 -0.91 8.11
C ALA B 331 -18.78 -1.35 6.66
N VAL B 332 -18.28 -0.43 5.85
CA VAL B 332 -17.88 -0.69 4.48
C VAL B 332 -16.37 -0.56 4.39
N ALA B 333 -15.70 -1.61 3.94
CA ALA B 333 -14.28 -1.53 3.63
C ALA B 333 -14.09 -1.22 2.16
N THR B 334 -13.04 -0.47 1.86
CA THR B 334 -12.72 -0.11 0.49
C THR B 334 -11.20 -0.13 0.32
N GLY B 335 -10.70 -1.05 -0.50
CA GLY B 335 -9.31 -1.08 -0.86
C GLY B 335 -9.09 -0.37 -2.19
N SER B 336 -7.89 0.16 -2.38
CA SER B 336 -7.59 0.91 -3.59
C SER B 336 -6.13 0.69 -3.95
N TRP B 337 -5.81 1.01 -5.21
CA TRP B 337 -4.43 0.90 -5.68
C TRP B 337 -3.49 1.85 -4.97
N ASP B 338 -4.01 2.76 -4.15
CA ASP B 338 -3.19 3.64 -3.34
C ASP B 338 -2.55 2.94 -2.14
N SER B 339 -2.80 1.64 -1.97
CA SER B 339 -2.22 0.81 -0.92
C SER B 339 -2.89 0.99 0.43
N PHE B 340 -4.06 1.60 0.50
CA PHE B 340 -4.76 1.83 1.75
C PHE B 340 -6.13 1.19 1.73
N LEU B 341 -6.53 0.64 2.88
CA LEU B 341 -7.90 0.25 3.13
C LEU B 341 -8.53 1.27 4.06
N LYS B 342 -9.67 1.81 3.65
CA LYS B 342 -10.40 2.77 4.45
C LYS B 342 -11.76 2.17 4.80
N ILE B 343 -12.08 2.19 6.09
CA ILE B 343 -13.32 1.63 6.59
C ILE B 343 -14.30 2.76 6.82
N TRP B 344 -15.49 2.65 6.24
CA TRP B 344 -16.49 3.71 6.26
C TRP B 344 -17.70 3.23 7.06
N ASN B 345 -18.30 4.14 7.81
CA ASN B 345 -19.45 3.81 8.62
C ASN B 345 -20.27 5.04 8.96
N TYR C 18 21.21 62.86 7.32
CA TYR C 18 22.03 61.67 7.68
C TYR C 18 21.12 60.52 8.13
N PHE C 19 21.25 59.38 7.45
CA PHE C 19 20.40 58.23 7.71
C PHE C 19 21.16 56.97 7.36
N LEU C 20 20.93 55.92 8.14
CA LEU C 20 21.60 54.65 7.91
C LEU C 20 20.63 53.51 8.13
N PHE C 21 20.40 52.72 7.08
CA PHE C 21 19.81 51.41 7.25
C PHE C 21 20.81 50.50 7.94
N ARG C 22 20.31 49.39 8.46
CA ARG C 22 21.16 48.49 9.22
C ARG C 22 21.22 47.12 8.53
N PRO C 23 22.36 46.43 8.63
CA PRO C 23 22.68 45.39 7.65
C PRO C 23 21.88 44.10 7.76
N ARG C 24 20.56 44.21 7.69
CA ARG C 24 19.68 43.08 7.40
C ARG C 24 20.20 41.78 8.01
N ASN C 25 20.44 41.84 9.32
CA ASN C 25 21.07 40.73 10.01
C ASN C 25 20.06 39.63 10.30
N GLN C 26 18.77 39.90 10.08
N VAL D 2 5.25 -30.42 18.44
CA VAL D 2 5.47 -29.23 19.33
C VAL D 2 6.00 -29.71 20.67
N GLN D 3 7.12 -29.14 21.12
CA GLN D 3 7.74 -29.55 22.36
C GLN D 3 8.41 -28.37 23.04
N LEU D 4 8.54 -28.47 24.36
CA LEU D 4 9.28 -27.52 25.19
C LEU D 4 9.97 -28.32 26.28
N VAL D 5 11.28 -28.51 26.15
CA VAL D 5 12.05 -29.36 27.05
C VAL D 5 12.92 -28.45 27.90
N GLU D 6 12.51 -28.20 29.13
CA GLU D 6 13.29 -27.36 30.04
C GLU D 6 14.49 -28.13 30.56
N SER D 7 15.57 -27.41 30.83
CA SER D 7 16.78 -28.00 31.39
C SER D 7 17.47 -26.99 32.28
N GLY D 8 18.24 -27.49 33.23
CA GLY D 8 18.98 -26.64 34.16
C GLY D 8 18.65 -26.87 35.62
N GLY D 9 17.71 -27.74 35.96
CA GLY D 9 17.37 -27.94 37.35
C GLY D 9 18.47 -28.66 38.11
N GLY D 10 18.28 -28.75 39.42
CA GLY D 10 19.19 -29.46 40.30
C GLY D 10 19.36 -28.72 41.60
N LEU D 11 20.27 -29.24 42.42
CA LEU D 11 20.54 -28.65 43.73
C LEU D 11 21.35 -27.37 43.59
N VAL D 12 20.90 -26.31 44.25
CA VAL D 12 21.61 -25.04 44.31
C VAL D 12 21.61 -24.57 45.76
N GLN D 13 22.77 -24.21 46.28
CA GLN D 13 22.83 -23.72 47.64
C GLN D 13 22.21 -22.31 47.72
N PRO D 14 21.68 -21.93 48.87
CA PRO D 14 21.03 -20.61 48.96
C PRO D 14 21.99 -19.50 48.57
N GLY D 15 21.46 -18.50 47.87
CA GLY D 15 22.26 -17.40 47.39
C GLY D 15 23.05 -17.68 46.13
N GLY D 16 23.00 -18.91 45.62
CA GLY D 16 23.68 -19.24 44.40
C GLY D 16 22.94 -18.71 43.18
N SER D 17 23.50 -19.03 42.02
CA SER D 17 22.92 -18.63 40.74
C SER D 17 22.83 -19.85 39.84
N ARG D 18 21.77 -19.91 39.04
CA ARG D 18 21.56 -21.01 38.12
C ARG D 18 20.76 -20.51 36.93
N LYS D 19 21.10 -21.01 35.74
CA LYS D 19 20.41 -20.61 34.51
C LYS D 19 19.56 -21.77 34.02
N LEU D 20 18.25 -21.56 33.96
CA LEU D 20 17.37 -22.51 33.31
C LEU D 20 17.32 -22.25 31.81
N SER D 21 16.95 -23.29 31.06
CA SER D 21 16.84 -23.20 29.62
C SER D 21 15.66 -24.05 29.16
N CYS D 22 15.15 -23.75 27.98
CA CYS D 22 14.07 -24.53 27.38
C CYS D 22 14.27 -24.59 25.88
N SER D 23 14.42 -25.80 25.34
CA SER D 23 14.63 -25.99 23.91
C SER D 23 13.28 -26.11 23.23
N ALA D 24 12.89 -25.07 22.52
CA ALA D 24 11.63 -25.08 21.79
C ALA D 24 11.82 -25.74 20.43
N SER D 25 10.87 -26.59 20.06
CA SER D 25 10.91 -27.25 18.77
C SER D 25 9.48 -27.49 18.29
N GLY D 26 9.33 -27.55 16.98
CA GLY D 26 8.05 -27.86 16.38
C GLY D 26 7.07 -26.72 16.33
N PHE D 27 7.50 -25.49 16.60
CA PHE D 27 6.65 -24.33 16.40
C PHE D 27 7.51 -23.10 16.19
N ALA D 28 6.87 -22.04 15.70
CA ALA D 28 7.56 -20.79 15.37
C ALA D 28 7.88 -20.05 16.66
N PHE D 29 9.02 -20.41 17.24
CA PHE D 29 9.44 -19.85 18.52
C PHE D 29 9.40 -18.32 18.50
N SER D 30 9.86 -17.71 17.41
CA SER D 30 9.97 -16.25 17.35
C SER D 30 8.62 -15.57 17.53
N SER D 31 7.55 -16.18 17.02
CA SER D 31 6.24 -15.53 17.06
C SER D 31 5.59 -15.58 18.44
N PHE D 32 6.03 -16.50 19.30
CA PHE D 32 5.37 -16.72 20.58
C PHE D 32 6.07 -15.93 21.69
N GLY D 33 5.29 -15.18 22.45
CA GLY D 33 5.75 -14.76 23.76
C GLY D 33 5.82 -15.95 24.69
N MET D 34 6.81 -15.96 25.57
CA MET D 34 7.06 -17.11 26.42
C MET D 34 7.07 -16.70 27.88
N HIS D 35 6.62 -17.62 28.72
CA HIS D 35 6.41 -17.40 30.13
C HIS D 35 7.16 -18.47 30.93
N TRP D 36 7.62 -18.09 32.11
CA TRP D 36 8.05 -19.04 33.12
C TRP D 36 7.03 -19.01 34.26
N VAL D 37 6.55 -20.19 34.63
CA VAL D 37 5.62 -20.35 35.73
C VAL D 37 6.16 -21.40 36.67
N ARG D 38 6.23 -21.08 37.96
CA ARG D 38 6.76 -21.97 38.97
C ARG D 38 5.63 -22.67 39.71
N GLN D 39 5.97 -23.77 40.38
CA GLN D 39 5.03 -24.48 41.23
C GLN D 39 5.80 -24.99 42.44
N ALA D 40 5.60 -24.35 43.58
CA ALA D 40 6.27 -24.79 44.78
C ALA D 40 5.84 -26.21 45.11
N PRO D 41 6.73 -27.04 45.64
CA PRO D 41 6.38 -28.45 45.82
C PRO D 41 5.11 -28.62 46.65
N GLU D 42 4.16 -29.38 46.10
CA GLU D 42 2.87 -29.63 46.74
C GLU D 42 2.07 -28.34 46.96
N LYS D 43 2.28 -27.32 46.12
CA LYS D 43 1.51 -26.10 46.21
C LYS D 43 1.03 -25.65 44.83
N GLY D 44 0.45 -24.44 44.76
CA GLY D 44 -0.13 -23.95 43.53
C GLY D 44 0.86 -23.29 42.60
N LEU D 45 0.35 -22.88 41.44
CA LEU D 45 1.16 -22.22 40.43
C LEU D 45 1.45 -20.78 40.82
N GLU D 46 2.57 -20.26 40.32
CA GLU D 46 2.95 -18.87 40.55
C GLU D 46 3.72 -18.36 39.35
N TRP D 47 3.27 -17.24 38.80
CA TRP D 47 3.91 -16.66 37.62
C TRP D 47 5.27 -16.06 38.00
N VAL D 48 6.22 -16.14 37.07
CA VAL D 48 7.60 -15.74 37.33
C VAL D 48 8.04 -14.59 36.41
N ALA D 49 8.02 -14.81 35.10
CA ALA D 49 8.61 -13.84 34.18
C ALA D 49 7.96 -13.96 32.81
N TYR D 50 8.12 -12.92 32.00
CA TYR D 50 7.56 -12.85 30.66
C TYR D 50 8.56 -12.18 29.73
N ILE D 51 8.63 -12.68 28.49
CA ILE D 51 9.40 -12.03 27.44
C ILE D 51 8.60 -12.15 26.14
N SER D 52 8.24 -11.02 25.55
CA SER D 52 7.37 -11.01 24.39
C SER D 52 8.12 -11.46 23.15
N SER D 53 7.38 -11.57 22.04
CA SER D 53 8.00 -11.80 20.74
C SER D 53 8.89 -10.63 20.39
N GLY D 54 10.11 -10.94 19.93
CA GLY D 54 11.08 -9.89 19.66
C GLY D 54 11.63 -9.21 20.89
N SER D 55 11.36 -9.73 22.08
CA SER D 55 11.94 -9.23 23.32
C SER D 55 11.62 -7.77 23.57
N GLY D 56 10.55 -7.25 22.97
CA GLY D 56 10.21 -5.85 23.15
C GLY D 56 9.62 -5.52 24.50
N THR D 57 9.09 -6.52 25.19
CA THR D 57 8.47 -6.31 26.50
C THR D 57 8.90 -7.44 27.43
N ILE D 58 9.29 -7.09 28.64
CA ILE D 58 9.67 -8.05 29.66
C ILE D 58 9.00 -7.65 30.97
N TYR D 59 8.40 -8.62 31.65
CA TYR D 59 7.79 -8.40 32.96
C TYR D 59 8.31 -9.47 33.91
N TYR D 60 8.38 -9.11 35.19
CA TYR D 60 8.77 -10.03 36.24
C TYR D 60 7.79 -9.91 37.40
N ALA D 61 7.62 -11.00 38.13
CA ALA D 61 6.89 -10.94 39.38
C ALA D 61 7.70 -10.18 40.41
N ASP D 62 7.00 -9.44 41.27
CA ASP D 62 7.69 -8.71 42.32
C ASP D 62 8.50 -9.62 43.21
N THR D 63 8.14 -10.90 43.28
CA THR D 63 8.90 -11.86 44.08
C THR D 63 10.27 -12.16 43.49
N VAL D 64 10.49 -11.87 42.21
CA VAL D 64 11.71 -12.26 41.51
C VAL D 64 12.39 -11.10 40.81
N LYS D 65 11.85 -9.90 40.87
CA LYS D 65 12.49 -8.77 40.20
C LYS D 65 13.93 -8.63 40.67
N GLY D 66 14.82 -8.33 39.73
CA GLY D 66 16.24 -8.21 40.05
C GLY D 66 16.98 -9.52 40.15
N ARG D 67 16.46 -10.46 40.94
CA ARG D 67 17.13 -11.75 41.07
C ARG D 67 17.16 -12.50 39.74
N PHE D 68 16.04 -12.48 39.01
CA PHE D 68 15.88 -13.26 37.79
C PHE D 68 15.88 -12.35 36.58
N THR D 69 16.55 -12.79 35.52
CA THR D 69 16.49 -12.12 34.22
C THR D 69 16.12 -13.13 33.15
N ILE D 70 15.13 -12.80 32.33
CA ILE D 70 14.63 -13.70 31.30
C ILE D 70 15.13 -13.23 29.94
N SER D 71 15.67 -14.14 29.15
CA SER D 71 16.16 -13.82 27.83
C SER D 71 15.88 -14.98 26.89
N ARG D 72 15.91 -14.69 25.59
CA ARG D 72 15.63 -15.69 24.57
C ARG D 72 16.63 -15.56 23.44
N ASP D 73 16.91 -16.70 22.80
CA ASP D 73 17.80 -16.77 21.63
C ASP D 73 17.00 -17.38 20.48
N ASP D 74 16.35 -16.51 19.71
CA ASP D 74 15.43 -16.99 18.68
C ASP D 74 16.11 -17.89 17.66
N PRO D 75 17.29 -17.57 17.13
CA PRO D 75 17.92 -18.49 16.16
C PRO D 75 18.16 -19.88 16.72
N LYS D 76 18.42 -20.01 18.03
CA LYS D 76 18.62 -21.30 18.66
C LYS D 76 17.33 -21.86 19.25
N ASN D 77 16.21 -21.17 19.11
CA ASN D 77 14.93 -21.60 19.67
C ASN D 77 15.09 -22.03 21.13
N THR D 78 15.72 -21.16 21.91
CA THR D 78 15.96 -21.43 23.33
C THR D 78 15.54 -20.23 24.15
N LEU D 79 14.82 -20.49 25.24
CA LEU D 79 14.46 -19.48 26.23
C LEU D 79 15.29 -19.69 27.48
N PHE D 80 15.77 -18.60 28.08
CA PHE D 80 16.65 -18.66 29.22
C PHE D 80 16.04 -17.89 30.40
N LEU D 81 16.35 -18.36 31.61
CA LEU D 81 15.97 -17.68 32.84
C LEU D 81 17.17 -17.76 33.78
N GLN D 82 17.98 -16.71 33.80
CA GLN D 82 19.18 -16.67 34.63
C GLN D 82 18.79 -16.22 36.03
N MET D 83 18.93 -17.12 37.00
CA MET D 83 18.55 -16.86 38.38
C MET D 83 19.79 -16.52 39.20
N THR D 84 19.67 -15.50 40.05
CA THR D 84 20.75 -15.10 40.94
C THR D 84 20.20 -14.93 42.35
N SER D 85 21.07 -15.16 43.34
CA SER D 85 20.70 -15.02 44.75
C SER D 85 19.47 -15.84 45.09
N LEU D 86 19.44 -17.08 44.61
CA LEU D 86 18.27 -17.94 44.79
C LEU D 86 17.96 -18.14 46.27
N ARG D 87 16.73 -17.81 46.64
CA ARG D 87 16.22 -18.06 47.99
C ARG D 87 15.67 -19.47 48.10
N SER D 88 15.48 -19.92 49.34
CA SER D 88 14.78 -21.18 49.57
C SER D 88 13.36 -21.12 49.04
N GLU D 89 12.72 -19.95 49.09
CA GLU D 89 11.37 -19.82 48.56
C GLU D 89 11.32 -20.00 47.04
N ASP D 90 12.47 -19.97 46.37
CA ASP D 90 12.52 -20.15 44.93
C ASP D 90 12.52 -21.61 44.50
N THR D 91 12.49 -22.55 45.45
CA THR D 91 12.45 -23.97 45.09
C THR D 91 11.09 -24.31 44.50
N ALA D 92 11.09 -24.84 43.29
CA ALA D 92 9.85 -25.15 42.59
C ALA D 92 10.18 -25.85 41.29
N MET D 93 9.16 -26.48 40.69
CA MET D 93 9.26 -26.96 39.33
C MET D 93 8.91 -25.82 38.39
N TYR D 94 9.80 -25.51 37.45
CA TYR D 94 9.66 -24.36 36.59
C TYR D 94 9.18 -24.82 35.22
N TYR D 95 8.03 -24.32 34.80
CA TYR D 95 7.43 -24.68 33.52
C TYR D 95 7.68 -23.56 32.52
N CYS D 96 8.14 -23.92 31.33
CA CYS D 96 8.20 -22.99 30.22
C CYS D 96 6.87 -23.02 29.48
N VAL D 97 6.27 -21.85 29.29
CA VAL D 97 4.91 -21.75 28.77
C VAL D 97 4.91 -20.77 27.61
N ARG D 98 4.34 -21.19 26.48
CA ARG D 98 4.23 -20.31 25.32
C ARG D 98 2.90 -19.58 25.34
N SER D 99 2.90 -18.40 24.73
CA SER D 99 1.69 -17.61 24.57
C SER D 99 1.84 -16.76 23.33
N ILE D 100 0.74 -16.61 22.59
CA ILE D 100 0.71 -15.79 21.39
C ILE D 100 -0.50 -14.89 21.48
N TYR D 101 -0.34 -13.63 21.09
CA TYR D 101 -1.32 -12.59 21.38
C TYR D 101 -1.77 -11.94 20.09
N TYR D 102 -2.98 -12.29 19.67
CA TYR D 102 -3.68 -11.58 18.60
C TYR D 102 -5.16 -11.91 18.77
N TYR D 103 -6.00 -11.15 18.09
CA TYR D 103 -7.44 -11.35 18.22
C TYR D 103 -7.79 -12.81 17.98
N GLY D 104 -8.35 -13.46 19.00
CA GLY D 104 -8.70 -14.86 18.92
C GLY D 104 -7.61 -15.84 19.23
N SER D 105 -6.42 -15.36 19.62
CA SER D 105 -5.35 -16.27 19.99
C SER D 105 -5.67 -16.94 21.32
N SER D 106 -4.95 -18.03 21.60
CA SER D 106 -5.12 -18.79 22.84
C SER D 106 -3.81 -18.77 23.61
N PRO D 107 -3.56 -17.75 24.44
CA PRO D 107 -2.33 -17.74 25.24
C PRO D 107 -2.28 -18.94 26.19
N PHE D 108 -1.06 -19.27 26.60
CA PHE D 108 -0.81 -20.35 27.56
C PHE D 108 -1.32 -21.69 27.06
N ASP D 109 -1.32 -21.91 25.74
CA ASP D 109 -1.89 -23.13 25.18
C ASP D 109 -0.95 -24.32 25.26
N PHE D 110 0.33 -24.13 25.58
CA PHE D 110 1.24 -25.26 25.69
C PHE D 110 2.26 -24.99 26.78
N TRP D 111 2.45 -26.01 27.64
CA TRP D 111 3.35 -25.93 28.77
C TRP D 111 4.39 -27.03 28.64
N GLY D 112 5.66 -26.69 28.85
CA GLY D 112 6.70 -27.70 28.84
C GLY D 112 6.56 -28.66 29.99
N GLN D 113 7.35 -29.73 29.96
CA GLN D 113 7.28 -30.74 30.98
C GLN D 113 7.86 -30.28 32.32
N GLY D 114 8.67 -29.23 32.31
CA GLY D 114 9.13 -28.63 33.54
C GLY D 114 10.47 -29.18 34.02
N THR D 115 11.15 -28.38 34.83
CA THR D 115 12.42 -28.75 35.44
C THR D 115 12.40 -28.34 36.90
N THR D 116 12.98 -29.17 37.75
CA THR D 116 12.92 -28.99 39.19
C THR D 116 14.15 -28.26 39.69
N LEU D 117 13.94 -27.18 40.44
CA LEU D 117 15.00 -26.44 41.10
C LEU D 117 14.86 -26.63 42.60
N THR D 118 15.87 -27.24 43.22
CA THR D 118 15.89 -27.48 44.65
C THR D 118 16.95 -26.59 45.27
N VAL D 119 16.58 -25.86 46.32
CA VAL D 119 17.48 -24.94 46.99
C VAL D 119 17.81 -25.49 48.37
N SER D 120 19.09 -25.59 48.67
CA SER D 120 19.56 -26.11 49.96
C SER D 120 19.18 -27.57 50.11
N SER D 136 -1.75 -5.10 46.01
CA SER D 136 -2.28 -4.28 44.92
C SER D 136 -2.58 -5.13 43.69
N ASP D 137 -1.98 -6.31 43.61
CA ASP D 137 -2.20 -7.22 42.49
C ASP D 137 -3.48 -8.03 42.70
N ILE D 138 -4.06 -8.46 41.60
CA ILE D 138 -5.34 -9.18 41.64
C ILE D 138 -5.14 -10.53 42.30
N VAL D 139 -5.98 -10.83 43.28
CA VAL D 139 -5.93 -12.11 44.00
C VAL D 139 -7.14 -12.93 43.61
N MET D 140 -6.90 -14.19 43.27
CA MET D 140 -7.93 -15.13 42.82
C MET D 140 -8.20 -16.14 43.92
N THR D 141 -9.47 -16.27 44.30
CA THR D 141 -9.87 -17.19 45.35
C THR D 141 -10.71 -18.31 44.75
N GLN D 142 -10.28 -19.56 44.98
CA GLN D 142 -11.05 -20.73 44.59
C GLN D 142 -11.71 -21.31 45.84
N ALA D 143 -13.03 -21.48 45.78
CA ALA D 143 -13.81 -21.75 46.97
C ALA D 143 -13.44 -23.07 47.65
N THR D 144 -12.98 -24.06 46.89
CA THR D 144 -12.73 -25.39 47.44
C THR D 144 -11.36 -25.89 47.01
N SER D 145 -10.64 -26.48 47.97
CA SER D 145 -9.36 -27.11 47.66
C SER D 145 -9.54 -28.48 47.02
N SER D 146 -10.61 -29.19 47.38
CA SER D 146 -10.84 -30.53 46.85
C SER D 146 -12.32 -30.78 46.69
N VAL D 147 -12.67 -31.65 45.73
CA VAL D 147 -14.04 -32.06 45.49
C VAL D 147 -14.05 -33.56 45.16
N PRO D 148 -14.74 -34.40 45.91
CA PRO D 148 -14.86 -35.80 45.51
C PRO D 148 -15.98 -36.00 44.49
N VAL D 149 -15.69 -36.78 43.46
CA VAL D 149 -16.62 -37.02 42.37
C VAL D 149 -16.26 -38.33 41.69
N THR D 150 -17.21 -38.90 40.97
CA THR D 150 -17.03 -40.11 40.20
C THR D 150 -17.45 -39.87 38.76
N PRO D 151 -16.95 -40.68 37.82
CA PRO D 151 -17.25 -40.45 36.40
C PRO D 151 -18.76 -40.40 36.15
N GLY D 152 -19.14 -39.63 35.13
CA GLY D 152 -20.52 -39.42 34.79
C GLY D 152 -21.19 -38.26 35.48
N GLU D 153 -20.62 -37.78 36.58
CA GLU D 153 -21.19 -36.65 37.29
C GLU D 153 -20.81 -35.33 36.62
N SER D 154 -21.53 -34.28 36.99
CA SER D 154 -21.24 -32.93 36.56
C SER D 154 -20.63 -32.15 37.71
N VAL D 155 -19.52 -31.48 37.45
CA VAL D 155 -18.79 -30.71 38.47
C VAL D 155 -18.68 -29.28 37.99
N SER D 156 -19.01 -28.34 38.88
CA SER D 156 -18.90 -26.91 38.59
C SER D 156 -17.87 -26.31 39.54
N ILE D 157 -16.61 -26.28 39.09
CA ILE D 157 -15.57 -25.60 39.84
C ILE D 157 -15.77 -24.10 39.72
N SER D 158 -15.56 -23.38 40.82
CA SER D 158 -15.90 -21.98 40.91
C SER D 158 -14.67 -21.15 41.24
N CYS D 159 -14.71 -19.88 40.85
CA CYS D 159 -13.61 -18.96 41.08
C CYS D 159 -14.17 -17.56 41.29
N ARG D 160 -13.37 -16.72 41.95
CA ARG D 160 -13.76 -15.34 42.21
C ARG D 160 -12.49 -14.48 42.22
N SER D 161 -12.62 -13.23 41.81
CA SER D 161 -11.50 -12.32 41.68
C SER D 161 -11.73 -11.05 42.48
N SER D 162 -10.63 -10.46 42.96
CA SER D 162 -10.71 -9.21 43.72
C SER D 162 -11.03 -8.01 42.86
N LYS D 163 -10.85 -8.11 41.55
CA LYS D 163 -11.14 -7.03 40.62
C LYS D 163 -11.81 -7.63 39.41
N SER D 164 -12.76 -6.90 38.83
CA SER D 164 -13.50 -7.43 37.70
C SER D 164 -12.57 -7.62 36.53
N LEU D 165 -12.50 -8.86 36.03
CA LEU D 165 -11.65 -9.17 34.89
C LEU D 165 -12.29 -8.80 33.57
N LEU D 166 -13.53 -8.34 33.58
CA LEU D 166 -14.21 -7.92 32.36
C LEU D 166 -13.69 -6.54 31.96
N HIS D 167 -12.88 -6.49 30.91
CA HIS D 167 -12.32 -5.24 30.45
C HIS D 167 -13.33 -4.48 29.60
N SER D 168 -13.04 -3.20 29.38
CA SER D 168 -13.96 -2.35 28.62
C SER D 168 -14.19 -2.86 27.21
N ASN D 169 -13.25 -3.63 26.66
CA ASN D 169 -13.37 -4.14 25.30
C ASN D 169 -14.26 -5.36 25.20
N GLY D 170 -14.82 -5.83 26.31
CA GLY D 170 -15.73 -6.96 26.31
C GLY D 170 -15.11 -8.29 26.65
N ASN D 171 -13.79 -8.37 26.77
CA ASN D 171 -13.14 -9.62 27.12
C ASN D 171 -13.11 -9.79 28.64
N THR D 172 -13.43 -11.00 29.09
CA THR D 172 -13.24 -11.40 30.48
C THR D 172 -12.00 -12.27 30.54
N TYR D 173 -10.90 -11.70 31.02
CA TYR D 173 -9.59 -12.33 30.93
C TYR D 173 -9.37 -13.36 32.03
N LEU D 174 -10.14 -14.44 31.97
CA LEU D 174 -10.02 -15.56 32.89
C LEU D 174 -9.58 -16.80 32.14
N TYR D 175 -8.52 -17.44 32.62
CA TYR D 175 -8.02 -18.69 32.04
C TYR D 175 -8.20 -19.83 33.02
N TRP D 176 -8.38 -21.04 32.48
CA TRP D 176 -8.53 -22.26 33.28
C TRP D 176 -7.51 -23.29 32.82
N PHE D 177 -6.91 -23.97 33.79
CA PHE D 177 -5.88 -24.97 33.51
C PHE D 177 -6.15 -26.22 34.34
N LEU D 178 -5.94 -27.38 33.73
CA LEU D 178 -6.04 -28.68 34.39
C LEU D 178 -4.63 -29.28 34.45
N GLN D 179 -4.19 -29.60 35.66
CA GLN D 179 -2.91 -30.28 35.88
C GLN D 179 -3.21 -31.68 36.40
N ARG D 180 -3.04 -32.67 35.55
CA ARG D 180 -3.19 -34.04 35.97
C ARG D 180 -1.96 -34.49 36.74
N PRO D 181 -2.07 -35.53 37.57
CA PRO D 181 -0.91 -35.98 38.36
C PRO D 181 0.30 -36.28 37.49
N GLY D 182 1.41 -35.58 37.77
CA GLY D 182 2.65 -35.81 37.07
C GLY D 182 2.78 -35.12 35.72
N GLN D 183 1.73 -34.47 35.25
CA GLN D 183 1.77 -33.74 34.00
C GLN D 183 1.87 -32.24 34.24
N SER D 184 2.23 -31.50 33.20
CA SER D 184 2.20 -30.06 33.24
C SER D 184 0.79 -29.55 32.94
N PRO D 185 0.45 -28.34 33.39
CA PRO D 185 -0.91 -27.84 33.18
C PRO D 185 -1.28 -27.78 31.71
N GLN D 186 -2.54 -28.09 31.43
CA GLN D 186 -3.10 -28.04 30.09
C GLN D 186 -4.22 -27.01 30.06
N LEU D 187 -4.17 -26.11 29.08
CA LEU D 187 -5.18 -25.07 28.95
C LEU D 187 -6.53 -25.68 28.57
N LEU D 188 -7.57 -25.33 29.32
CA LEU D 188 -8.93 -25.73 29.00
C LEU D 188 -9.72 -24.60 28.36
N ILE D 189 -9.84 -23.47 29.06
CA ILE D 189 -10.61 -22.32 28.61
C ILE D 189 -9.72 -21.09 28.76
N TYR D 190 -9.61 -20.28 27.70
CA TYR D 190 -8.69 -19.15 27.71
C TYR D 190 -9.39 -17.84 28.05
N ARG D 191 -10.41 -17.45 27.31
CA ARG D 191 -11.36 -16.48 27.84
C ARG D 191 -12.48 -17.24 28.53
N MET D 192 -13.15 -16.60 29.48
CA MET D 192 -13.98 -17.35 30.42
C MET D 192 -14.92 -18.35 29.74
N SER D 193 -15.15 -18.22 28.42
CA SER D 193 -16.11 -19.07 27.74
C SER D 193 -15.57 -19.74 26.48
N ASN D 194 -14.31 -19.54 26.12
CA ASN D 194 -13.75 -20.07 24.89
C ASN D 194 -12.95 -21.34 25.19
N LEU D 195 -13.26 -22.41 24.47
CA LEU D 195 -12.72 -23.73 24.74
C LEU D 195 -11.47 -23.98 23.90
N ALA D 196 -10.43 -24.49 24.54
CA ALA D 196 -9.14 -24.64 23.89
C ALA D 196 -9.16 -25.81 22.90
N SER D 197 -8.17 -25.79 21.99
CA SER D 197 -8.02 -26.87 21.01
C SER D 197 -7.67 -28.17 21.70
N GLY D 198 -8.30 -29.25 21.25
CA GLY D 198 -8.01 -30.57 21.81
C GLY D 198 -8.69 -30.86 23.11
N VAL D 199 -9.57 -29.98 23.58
CA VAL D 199 -10.29 -30.16 24.85
C VAL D 199 -11.72 -30.57 24.52
N PRO D 200 -12.22 -31.68 25.08
CA PRO D 200 -13.60 -32.09 24.77
C PRO D 200 -14.61 -31.04 25.18
N ASP D 201 -15.72 -30.98 24.44
CA ASP D 201 -16.81 -30.06 24.76
C ASP D 201 -17.38 -30.29 26.15
N ARG D 202 -17.00 -31.38 26.83
CA ARG D 202 -17.49 -31.62 28.17
C ARG D 202 -17.15 -30.45 29.10
N PHE D 203 -15.97 -29.88 28.94
CA PHE D 203 -15.59 -28.70 29.72
C PHE D 203 -16.29 -27.47 29.16
N SER D 204 -16.88 -26.67 30.05
CA SER D 204 -17.64 -25.50 29.62
C SER D 204 -17.43 -24.38 30.63
N GLY D 205 -16.91 -23.25 30.16
CA GLY D 205 -16.66 -22.12 31.03
C GLY D 205 -17.82 -21.14 31.08
N SER D 206 -17.89 -20.41 32.19
CA SER D 206 -18.90 -19.39 32.37
C SER D 206 -18.45 -18.48 33.51
N GLY D 207 -19.08 -17.32 33.59
CA GLY D 207 -18.79 -16.43 34.71
C GLY D 207 -19.39 -15.06 34.49
N SER D 208 -19.37 -14.29 35.56
CA SER D 208 -19.76 -12.89 35.58
C SER D 208 -18.49 -12.03 35.59
N GLY D 209 -18.65 -10.72 35.76
CA GLY D 209 -17.51 -9.84 35.77
C GLY D 209 -16.52 -10.15 36.88
N THR D 210 -16.98 -10.76 37.97
CA THR D 210 -16.14 -10.99 39.14
C THR D 210 -16.20 -12.41 39.69
N ALA D 211 -17.17 -13.24 39.29
CA ALA D 211 -17.27 -14.61 39.75
C ALA D 211 -17.40 -15.52 38.54
N PHE D 212 -16.66 -16.64 38.55
CA PHE D 212 -16.53 -17.49 37.38
C PHE D 212 -16.71 -18.95 37.79
N THR D 213 -17.05 -19.78 36.80
CA THR D 213 -17.37 -21.17 37.06
C THR D 213 -17.03 -22.03 35.84
N LEU D 214 -16.29 -23.11 36.09
CA LEU D 214 -15.95 -24.08 35.06
C LEU D 214 -16.78 -25.34 35.29
N THR D 215 -17.64 -25.68 34.33
CA THR D 215 -18.52 -26.83 34.44
C THR D 215 -17.94 -27.99 33.63
N ILE D 216 -17.52 -29.04 34.32
CA ILE D 216 -17.16 -30.30 33.68
C ILE D 216 -18.46 -31.11 33.58
N SER D 217 -19.08 -31.10 32.39
CA SER D 217 -20.47 -31.52 32.26
C SER D 217 -20.65 -33.03 32.36
N ARG D 218 -19.64 -33.82 32.05
CA ARG D 218 -19.73 -35.27 32.16
C ARG D 218 -18.33 -35.78 32.50
N LEU D 219 -18.10 -36.03 33.78
CA LEU D 219 -16.75 -36.29 34.25
C LEU D 219 -16.22 -37.61 33.72
N GLU D 220 -14.91 -37.67 33.51
CA GLU D 220 -14.22 -38.86 33.04
C GLU D 220 -12.99 -39.09 33.89
N ALA D 221 -12.47 -40.32 33.84
CA ALA D 221 -11.27 -40.64 34.61
C ALA D 221 -10.09 -39.77 34.24
N GLU D 222 -10.06 -39.24 33.02
CA GLU D 222 -8.99 -38.35 32.58
C GLU D 222 -9.08 -36.96 33.19
N ASP D 223 -10.20 -36.62 33.83
CA ASP D 223 -10.43 -35.27 34.33
C ASP D 223 -9.89 -35.04 35.73
N VAL D 224 -9.48 -36.09 36.43
CA VAL D 224 -8.99 -35.93 37.80
C VAL D 224 -7.69 -35.14 37.79
N GLY D 225 -7.59 -34.17 38.67
CA GLY D 225 -6.43 -33.32 38.76
C GLY D 225 -6.80 -32.00 39.42
N VAL D 226 -5.82 -31.09 39.43
CA VAL D 226 -5.97 -29.79 40.07
C VAL D 226 -6.32 -28.78 39.00
N TYR D 227 -7.40 -28.04 39.21
CA TYR D 227 -7.89 -27.04 38.26
C TYR D 227 -7.52 -25.65 38.77
N TYR D 228 -6.75 -24.91 37.97
CA TYR D 228 -6.25 -23.59 38.34
C TYR D 228 -6.93 -22.53 37.49
N CYS D 229 -7.42 -21.48 38.14
CA CYS D 229 -7.83 -20.27 37.45
C CYS D 229 -6.65 -19.32 37.33
N MET D 230 -6.70 -18.45 36.30
CA MET D 230 -5.68 -17.44 36.12
C MET D 230 -6.32 -16.21 35.49
N GLN D 231 -5.79 -15.04 35.86
CA GLN D 231 -6.22 -13.77 35.30
C GLN D 231 -5.14 -13.23 34.37
N HIS D 232 -5.57 -12.63 33.26
CA HIS D 232 -4.66 -11.99 32.33
C HIS D 232 -5.05 -10.54 32.07
N LEU D 233 -5.71 -9.91 33.04
CA LEU D 233 -6.06 -8.51 32.91
C LEU D 233 -4.89 -7.59 33.22
N GLU D 234 -4.16 -7.86 34.28
CA GLU D 234 -3.09 -6.97 34.70
C GLU D 234 -1.97 -7.86 34.74
N TYR D 235 -0.74 -7.35 34.76
CA TYR D 235 0.37 -8.23 34.65
C TYR D 235 0.89 -9.11 35.70
N PRO D 236 0.88 -8.70 36.96
CA PRO D 236 1.31 -9.76 37.86
C PRO D 236 0.23 -10.79 37.61
N LEU D 237 0.51 -11.93 36.96
CA LEU D 237 -0.53 -12.86 36.59
C LEU D 237 -0.68 -13.73 37.78
N THR D 238 -1.88 -13.85 38.31
CA THR D 238 -2.10 -14.51 39.58
C THR D 238 -2.98 -15.74 39.35
N PHE D 239 -2.48 -16.90 39.74
CA PHE D 239 -3.24 -18.14 39.69
C PHE D 239 -3.99 -18.34 41.01
N GLY D 240 -5.10 -19.08 40.93
CA GLY D 240 -5.79 -19.49 42.13
C GLY D 240 -5.04 -20.59 42.86
N ALA D 241 -5.52 -20.90 44.06
CA ALA D 241 -4.89 -21.96 44.84
C ALA D 241 -5.11 -23.33 44.23
N GLY D 242 -6.12 -23.49 43.38
CA GLY D 242 -6.35 -24.74 42.69
C GLY D 242 -7.36 -25.64 43.36
N THR D 243 -8.36 -26.10 42.62
CA THR D 243 -9.40 -26.98 43.11
C THR D 243 -9.12 -28.40 42.61
N LYS D 244 -8.82 -29.30 43.55
CA LYS D 244 -8.52 -30.68 43.19
C LYS D 244 -9.80 -31.48 43.01
N LEU D 245 -9.84 -32.31 41.98
CA LEU D 245 -10.89 -33.30 41.80
C LEU D 245 -10.32 -34.68 42.10
N GLU D 246 -10.97 -35.41 43.00
CA GLU D 246 -10.53 -36.73 43.42
C GLU D 246 -11.62 -37.75 43.11
N LEU D 247 -11.21 -38.89 42.57
CA LEU D 247 -12.15 -39.93 42.19
C LEU D 247 -12.95 -40.41 43.39
N THR E 5 -16.39 -32.58 -36.19
CA THR E 5 -17.11 -33.12 -35.00
C THR E 5 -17.29 -32.08 -33.90
N ALA E 6 -16.18 -31.44 -33.52
CA ALA E 6 -16.21 -30.53 -32.37
C ALA E 6 -17.13 -29.35 -32.58
N SER E 7 -17.18 -28.80 -33.80
CA SER E 7 -17.95 -27.58 -34.02
C SER E 7 -19.44 -27.82 -33.81
N ILE E 8 -19.97 -28.86 -34.46
CA ILE E 8 -21.41 -29.13 -34.31
C ILE E 8 -21.71 -29.66 -32.91
N ALA E 9 -20.74 -30.31 -32.27
CA ALA E 9 -20.93 -30.69 -30.87
C ALA E 9 -21.09 -29.46 -29.98
N GLN E 10 -20.25 -28.45 -30.20
CA GLN E 10 -20.40 -27.20 -29.46
C GLN E 10 -21.74 -26.55 -29.76
N ALA E 11 -22.17 -26.57 -31.02
CA ALA E 11 -23.47 -26.00 -31.37
C ALA E 11 -24.60 -26.74 -30.67
N ARG E 12 -24.50 -28.07 -30.59
CA ARG E 12 -25.52 -28.85 -29.88
C ARG E 12 -25.52 -28.52 -28.39
N LYS E 13 -24.34 -28.36 -27.78
CA LYS E 13 -24.28 -27.96 -26.39
C LYS E 13 -24.95 -26.61 -26.18
N LEU E 14 -24.67 -25.65 -27.07
CA LEU E 14 -25.31 -24.34 -26.99
C LEU E 14 -26.82 -24.46 -27.10
N VAL E 15 -27.29 -25.27 -28.06
CA VAL E 15 -28.72 -25.43 -28.26
C VAL E 15 -29.36 -26.02 -27.00
N GLU E 16 -28.74 -27.04 -26.41
CA GLU E 16 -29.31 -27.66 -25.23
C GLU E 16 -29.33 -26.69 -24.05
N GLN E 17 -28.26 -25.91 -23.90
CA GLN E 17 -28.23 -24.92 -22.82
C GLN E 17 -29.32 -23.87 -23.00
N LEU E 18 -29.48 -23.38 -24.24
CA LEU E 18 -30.55 -22.43 -24.52
C LEU E 18 -31.93 -23.05 -24.25
N LYS E 19 -32.09 -24.34 -24.59
CA LYS E 19 -33.34 -25.02 -24.31
C LYS E 19 -33.63 -25.03 -22.81
N MET E 20 -32.67 -25.45 -22.00
CA MET E 20 -32.92 -25.53 -20.57
C MET E 20 -33.14 -24.15 -19.97
N GLU E 21 -32.48 -23.11 -20.51
CA GLU E 21 -32.75 -21.77 -20.03
C GLU E 21 -34.14 -21.30 -20.41
N ALA E 22 -34.63 -21.70 -21.58
CA ALA E 22 -35.96 -21.27 -22.01
C ALA E 22 -37.06 -21.91 -21.17
N ASN E 23 -36.85 -23.14 -20.68
CA ASN E 23 -37.88 -23.88 -19.99
C ASN E 23 -38.16 -23.38 -18.57
N ILE E 24 -37.29 -22.52 -18.03
CA ILE E 24 -37.46 -22.10 -16.64
C ILE E 24 -38.74 -21.30 -16.47
N ASP E 25 -39.33 -21.41 -15.28
CA ASP E 25 -40.48 -20.59 -14.92
C ASP E 25 -40.04 -19.19 -14.55
N ARG E 26 -40.80 -18.19 -14.99
CA ARG E 26 -40.48 -16.79 -14.73
C ARG E 26 -41.68 -16.08 -14.13
N ILE E 27 -41.46 -15.36 -13.03
CA ILE E 27 -42.50 -14.56 -12.40
C ILE E 27 -42.51 -13.18 -13.03
N LYS E 28 -43.63 -12.48 -12.87
CA LYS E 28 -43.74 -11.11 -13.37
C LYS E 28 -42.73 -10.21 -12.66
N VAL E 29 -42.17 -9.27 -13.43
CA VAL E 29 -41.21 -8.33 -12.85
C VAL E 29 -41.85 -7.56 -11.71
N SER E 30 -43.16 -7.33 -11.77
CA SER E 30 -43.83 -6.59 -10.70
C SER E 30 -43.71 -7.31 -9.37
N LYS E 31 -43.92 -8.63 -9.36
CA LYS E 31 -43.82 -9.38 -8.12
C LYS E 31 -42.38 -9.43 -7.61
N ALA E 32 -41.41 -9.57 -8.52
CA ALA E 32 -40.02 -9.56 -8.10
C ALA E 32 -39.63 -8.22 -7.46
N ALA E 33 -40.03 -7.12 -8.10
CA ALA E 33 -39.76 -5.80 -7.52
C ALA E 33 -40.46 -5.66 -6.18
N ALA E 34 -41.70 -6.12 -6.07
CA ALA E 34 -42.42 -6.06 -4.80
C ALA E 34 -41.68 -6.86 -3.73
N ASP E 35 -41.14 -8.02 -4.08
CA ASP E 35 -40.41 -8.83 -3.11
C ASP E 35 -39.14 -8.14 -2.65
N LEU E 36 -38.38 -7.56 -3.57
CA LEU E 36 -37.16 -6.86 -3.16
C LEU E 36 -37.50 -5.67 -2.27
N MET E 37 -38.54 -4.91 -2.64
CA MET E 37 -38.96 -3.78 -1.83
C MET E 37 -39.42 -4.24 -0.45
N ALA E 38 -40.14 -5.37 -0.39
CA ALA E 38 -40.60 -5.89 0.89
C ALA E 38 -39.41 -6.29 1.77
N TYR E 39 -38.40 -6.93 1.19
CA TYR E 39 -37.23 -7.28 1.99
C TYR E 39 -36.52 -6.03 2.50
N CYS E 40 -36.35 -5.03 1.62
CA CYS E 40 -35.71 -3.79 2.05
C CYS E 40 -36.47 -3.14 3.19
N GLU E 41 -37.80 -3.07 3.09
CA GLU E 41 -38.61 -2.48 4.14
C GLU E 41 -38.52 -3.30 5.43
N ALA E 42 -38.54 -4.62 5.31
CA ALA E 42 -38.55 -5.48 6.49
C ALA E 42 -37.24 -5.40 7.26
N HIS E 43 -36.12 -5.25 6.56
CA HIS E 43 -34.81 -5.25 7.21
C HIS E 43 -34.18 -3.86 7.27
N ALA E 44 -34.96 -2.80 7.09
CA ALA E 44 -34.41 -1.45 7.16
C ALA E 44 -33.78 -1.17 8.52
N LYS E 45 -34.45 -1.59 9.59
CA LYS E 45 -33.98 -1.26 10.94
C LYS E 45 -32.63 -1.87 11.26
N GLU E 46 -32.25 -2.96 10.59
CA GLU E 46 -31.06 -3.72 10.91
C GLU E 46 -29.86 -3.33 10.08
N ASP E 47 -29.89 -2.17 9.43
CA ASP E 47 -28.82 -1.73 8.53
C ASP E 47 -28.12 -0.50 9.11
N PRO E 48 -26.96 -0.67 9.75
CA PRO E 48 -26.27 0.50 10.31
C PRO E 48 -25.91 1.56 9.28
N LEU E 49 -25.66 1.18 8.03
CA LEU E 49 -25.28 2.18 7.02
C LEU E 49 -26.48 3.01 6.58
N LEU E 50 -27.65 2.36 6.46
CA LEU E 50 -28.84 3.07 6.03
C LEU E 50 -29.28 4.09 7.07
N THR E 51 -29.31 3.69 8.34
CA THR E 51 -29.71 4.55 9.44
C THR E 51 -28.58 4.59 10.45
N PRO E 52 -27.75 5.64 10.46
CA PRO E 52 -26.57 5.65 11.33
C PRO E 52 -26.93 5.38 12.78
N VAL E 53 -26.18 4.47 13.39
CA VAL E 53 -26.37 4.08 14.79
C VAL E 53 -25.69 5.10 15.71
N PRO E 54 -26.08 5.18 16.97
CA PRO E 54 -25.39 6.08 17.90
C PRO E 54 -23.93 5.69 18.06
N ALA E 55 -23.11 6.69 18.41
CA ALA E 55 -21.66 6.48 18.47
C ALA E 55 -21.26 5.40 19.46
N SER E 56 -22.12 5.07 20.43
CA SER E 56 -21.75 4.07 21.43
C SER E 56 -21.80 2.65 20.88
N GLU E 57 -22.39 2.44 19.71
CA GLU E 57 -22.62 1.10 19.18
C GLU E 57 -21.69 0.71 18.04
N ASN E 58 -20.78 1.58 17.64
CA ASN E 58 -19.82 1.25 16.58
C ASN E 58 -18.83 0.18 17.04
N SER F 198 13.46 59.21 6.72
CA SER F 198 12.63 58.23 5.97
C SER F 198 12.54 58.65 4.50
N HIS F 199 13.62 58.38 3.76
CA HIS F 199 13.74 58.88 2.39
C HIS F 199 13.08 57.95 1.39
N PHE F 200 13.37 56.65 1.49
CA PHE F 200 13.04 55.68 0.44
C PHE F 200 11.68 55.01 0.61
N PHE F 201 10.91 55.37 1.63
CA PHE F 201 9.74 54.58 2.00
C PHE F 201 8.80 54.35 0.81
N LEU F 202 8.40 55.42 0.13
CA LEU F 202 7.41 55.30 -0.93
C LEU F 202 7.95 54.53 -2.13
N PRO F 203 9.03 54.96 -2.78
CA PRO F 203 9.48 54.25 -3.99
C PRO F 203 9.89 52.81 -3.73
N VAL F 204 10.36 52.50 -2.53
CA VAL F 204 10.81 51.14 -2.25
C VAL F 204 9.63 50.25 -1.86
N SER F 205 8.67 50.80 -1.11
CA SER F 205 7.45 50.03 -0.84
C SER F 205 6.70 49.74 -2.14
N VAL F 206 6.72 50.68 -3.08
CA VAL F 206 6.04 50.48 -4.35
C VAL F 206 6.52 49.20 -5.02
N VAL F 207 7.83 48.96 -4.98
CA VAL F 207 8.38 47.79 -5.65
C VAL F 207 8.39 46.57 -4.73
N TYR F 208 8.42 46.77 -3.42
CA TYR F 208 8.36 45.64 -2.51
C TYR F 208 7.01 44.94 -2.57
N VAL F 209 5.91 45.71 -2.63
CA VAL F 209 4.59 45.11 -2.51
C VAL F 209 4.32 44.08 -3.59
N PRO F 210 4.59 44.34 -4.87
CA PRO F 210 4.43 43.27 -5.87
C PRO F 210 5.24 42.03 -5.53
N ILE F 211 6.48 42.20 -5.08
CA ILE F 211 7.31 41.05 -4.73
C ILE F 211 6.66 40.28 -3.58
N PHE F 212 6.18 41.00 -2.57
CA PHE F 212 5.57 40.33 -1.42
C PHE F 212 4.35 39.52 -1.83
N VAL F 213 3.44 40.14 -2.59
CA VAL F 213 2.23 39.43 -2.98
C VAL F 213 2.58 38.21 -3.83
N VAL F 214 3.47 38.39 -4.80
CA VAL F 214 3.82 37.28 -5.69
C VAL F 214 4.44 36.13 -4.89
N GLY F 215 5.38 36.46 -4.01
CA GLY F 215 6.04 35.40 -3.26
C GLY F 215 5.12 34.70 -2.29
N VAL F 216 4.24 35.45 -1.62
CA VAL F 216 3.29 34.82 -0.71
C VAL F 216 2.37 33.88 -1.47
N ILE F 217 1.82 34.36 -2.59
CA ILE F 217 0.92 33.51 -3.38
C ILE F 217 1.65 32.25 -3.84
N GLY F 218 2.86 32.42 -4.39
CA GLY F 218 3.58 31.26 -4.90
C GLY F 218 3.89 30.24 -3.83
N ASN F 219 4.45 30.69 -2.71
CA ASN F 219 4.84 29.75 -1.66
C ASN F 219 3.63 29.11 -0.99
N VAL F 220 2.53 29.86 -0.85
CA VAL F 220 1.31 29.26 -0.31
C VAL F 220 0.76 28.22 -1.28
N LEU F 221 0.83 28.50 -2.59
CA LEU F 221 0.43 27.50 -3.57
C LEU F 221 1.25 26.24 -3.42
N VAL F 222 2.56 26.38 -3.23
CA VAL F 222 3.41 25.20 -3.10
C VAL F 222 3.04 24.43 -1.82
N CYS F 223 2.92 25.12 -0.72
CA CYS F 223 2.66 24.45 0.52
C CYS F 223 1.29 23.77 0.46
N LEU F 224 0.32 24.35 -0.27
CA LEU F 224 -0.99 23.71 -0.44
C LEU F 224 -0.88 22.47 -1.30
N VAL F 225 -0.36 22.61 -2.52
CA VAL F 225 -0.35 21.51 -3.48
C VAL F 225 0.43 20.33 -2.96
N ILE F 226 1.55 20.57 -2.26
CA ILE F 226 2.36 19.44 -1.81
C ILE F 226 1.60 18.60 -0.80
N LEU F 227 0.66 19.20 -0.08
CA LEU F 227 -0.09 18.47 0.95
C LEU F 227 -1.45 17.97 0.47
N GLN F 228 -2.04 18.62 -0.53
CA GLN F 228 -3.44 18.37 -0.85
C GLN F 228 -3.70 16.95 -1.36
N HIS F 229 -2.72 16.31 -1.98
CA HIS F 229 -2.88 14.92 -2.39
C HIS F 229 -1.53 14.22 -2.30
N GLN F 230 -1.56 12.94 -1.89
CA GLN F 230 -0.35 12.24 -1.50
C GLN F 230 0.53 11.86 -2.67
N ALA F 231 0.01 11.88 -3.91
CA ALA F 231 0.87 11.66 -5.06
C ALA F 231 1.96 12.72 -5.16
N MET F 232 1.75 13.89 -4.54
CA MET F 232 2.74 14.95 -4.49
C MET F 232 3.64 14.85 -3.27
N LYS F 233 3.34 13.95 -2.33
CA LYS F 233 4.07 13.84 -1.06
C LYS F 233 5.33 12.99 -1.19
N THR F 234 6.20 13.33 -2.14
CA THR F 234 7.42 12.57 -2.40
C THR F 234 8.63 13.25 -1.77
N PRO F 235 9.76 12.53 -1.64
CA PRO F 235 10.90 13.11 -0.92
C PRO F 235 11.40 14.42 -1.48
N THR F 236 11.46 14.59 -2.81
CA THR F 236 11.94 15.86 -3.35
C THR F 236 10.98 16.98 -3.04
N ASN F 237 9.67 16.68 -3.02
CA ASN F 237 8.71 17.70 -2.63
C ASN F 237 8.84 18.07 -1.16
N TYR F 238 9.44 17.23 -0.32
CA TYR F 238 9.76 17.65 1.03
C TYR F 238 10.79 18.78 1.01
N TYR F 239 11.85 18.62 0.22
CA TYR F 239 12.84 19.69 0.09
C TYR F 239 12.20 20.95 -0.47
N LEU F 240 11.38 20.81 -1.50
CA LEU F 240 10.76 21.99 -2.10
C LEU F 240 9.77 22.65 -1.13
N PHE F 241 9.07 21.85 -0.33
CA PHE F 241 8.18 22.40 0.69
C PHE F 241 8.98 23.16 1.75
N SER F 242 10.12 22.60 2.16
CA SER F 242 10.96 23.31 3.12
C SER F 242 11.45 24.63 2.54
N LEU F 243 11.81 24.63 1.26
CA LEU F 243 12.22 25.87 0.60
C LEU F 243 11.07 26.86 0.55
N ALA F 244 9.86 26.39 0.25
CA ALA F 244 8.70 27.28 0.20
C ALA F 244 8.45 27.89 1.58
N VAL F 245 8.54 27.07 2.63
CA VAL F 245 8.39 27.58 3.99
C VAL F 245 9.46 28.62 4.30
N SER F 246 10.71 28.32 3.95
CA SER F 246 11.80 29.25 4.23
C SER F 246 11.59 30.58 3.52
N ASP F 247 11.18 30.54 2.25
CA ASP F 247 10.98 31.79 1.52
C ASP F 247 9.76 32.55 2.03
N LEU F 248 8.69 31.85 2.38
CA LEU F 248 7.52 32.50 2.95
C LEU F 248 7.87 33.17 4.27
N LEU F 249 8.64 32.48 5.11
CA LEU F 249 9.07 33.07 6.38
C LEU F 249 9.98 34.26 6.14
N VAL F 250 10.90 34.17 5.18
CA VAL F 250 11.74 35.32 4.87
C VAL F 250 10.88 36.52 4.50
N LEU F 251 9.91 36.32 3.60
CA LEU F 251 9.07 37.42 3.17
C LEU F 251 8.29 38.01 4.35
N LEU F 252 7.59 37.16 5.09
CA LEU F 252 6.73 37.67 6.16
C LEU F 252 7.53 38.28 7.31
N LEU F 253 8.74 37.78 7.56
CA LEU F 253 9.52 38.23 8.71
C LEU F 253 10.36 39.46 8.39
N GLY F 254 10.78 39.62 7.13
CA GLY F 254 11.58 40.77 6.75
C GLY F 254 10.79 41.89 6.12
N MET F 255 9.95 41.56 5.14
CA MET F 255 9.30 42.59 4.34
C MET F 255 8.48 43.56 5.19
N PRO F 256 7.67 43.12 6.15
CA PRO F 256 6.91 44.10 6.93
C PRO F 256 7.81 44.96 7.82
N LEU F 257 8.77 44.36 8.51
CA LEU F 257 9.64 45.14 9.38
C LEU F 257 10.48 46.12 8.58
N GLU F 258 10.89 45.74 7.38
CA GLU F 258 11.69 46.65 6.57
C GLU F 258 10.90 47.89 6.19
N VAL F 259 9.66 47.70 5.74
CA VAL F 259 8.86 48.87 5.39
C VAL F 259 8.53 49.68 6.63
N TYR F 260 8.33 49.01 7.77
CA TYR F 260 8.07 49.73 9.01
C TYR F 260 9.26 50.61 9.39
N GLU F 261 10.47 50.06 9.30
CA GLU F 261 11.66 50.84 9.66
C GLU F 261 11.95 51.92 8.62
N MET F 262 11.53 51.71 7.37
CA MET F 262 11.59 52.80 6.40
C MET F 262 10.59 53.90 6.77
N TRP F 263 9.48 53.53 7.40
CA TRP F 263 8.54 54.53 7.89
C TRP F 263 9.13 55.32 9.05
N ARG F 264 9.67 54.64 10.05
CA ARG F 264 10.35 55.29 11.17
C ARG F 264 11.34 54.32 11.79
N ASN F 265 12.62 54.73 11.83
CA ASN F 265 13.71 53.84 12.16
C ASN F 265 13.98 53.75 13.67
N TYR F 266 14.23 54.88 14.31
CA TYR F 266 14.66 54.86 15.71
C TYR F 266 13.73 54.10 16.64
N PRO F 267 12.40 54.26 16.58
CA PRO F 267 11.53 53.73 17.64
C PRO F 267 11.46 52.20 17.74
N PHE F 268 12.51 51.45 17.40
CA PHE F 268 12.41 49.99 17.31
C PHE F 268 11.56 49.41 18.43
N LEU F 269 10.71 48.45 18.02
CA LEU F 269 9.64 47.94 18.89
C LEU F 269 9.78 46.93 19.97
N PHE F 270 10.34 45.81 19.67
CA PHE F 270 10.29 44.73 20.60
C PHE F 270 10.97 44.72 21.95
N GLY F 271 12.17 45.23 22.06
CA GLY F 271 12.90 45.09 23.31
C GLY F 271 13.77 43.87 23.19
N PRO F 272 14.82 43.74 23.98
CA PRO F 272 15.82 42.67 23.79
C PRO F 272 15.43 41.27 23.30
N VAL F 273 14.45 40.63 23.86
CA VAL F 273 13.93 39.32 23.49
C VAL F 273 13.53 39.32 22.02
N GLY F 274 12.85 40.38 21.58
CA GLY F 274 12.48 40.48 20.18
C GLY F 274 13.66 40.70 19.27
N CYS F 275 14.73 41.35 19.71
CA CYS F 275 15.92 41.46 18.87
C CYS F 275 16.52 40.11 18.67
N TYR F 276 16.67 39.34 19.72
CA TYR F 276 17.22 38.00 19.55
C TYR F 276 16.32 37.15 18.65
N PHE F 277 15.00 37.23 18.84
CA PHE F 277 14.10 36.43 18.02
C PHE F 277 14.19 36.84 16.56
N LYS F 278 14.08 38.15 16.27
CA LYS F 278 14.15 38.61 14.89
C LYS F 278 15.45 38.18 14.24
N THR F 279 16.58 38.50 14.87
CA THR F 279 17.87 38.17 14.28
C THR F 279 17.99 36.67 14.05
N ALA F 280 17.74 35.87 15.08
CA ALA F 280 17.94 34.44 14.97
C ALA F 280 17.02 33.82 13.94
N LEU F 281 15.75 34.21 13.93
CA LEU F 281 14.79 33.62 12.99
C LEU F 281 15.12 34.03 11.55
N PHE F 282 15.47 35.30 11.33
CA PHE F 282 15.83 35.74 9.99
C PHE F 282 17.05 34.98 9.48
N GLU F 283 18.10 34.88 10.31
CA GLU F 283 19.27 34.13 9.92
C GLU F 283 18.93 32.68 9.64
N THR F 284 18.12 32.07 10.51
CA THR F 284 17.77 30.67 10.35
C THR F 284 17.03 30.44 9.03
N VAL F 285 16.06 31.31 8.72
CA VAL F 285 15.28 31.10 7.51
C VAL F 285 16.13 31.37 6.26
N CYS F 286 17.04 32.34 6.32
CA CYS F 286 17.91 32.58 5.17
C CYS F 286 18.84 31.39 4.93
N PHE F 287 19.52 30.92 5.99
CA PHE F 287 20.37 29.74 5.84
C PHE F 287 19.56 28.53 5.42
N ALA F 288 18.32 28.40 5.91
CA ALA F 288 17.47 27.28 5.52
C ALA F 288 17.13 27.33 4.04
N SER F 289 16.80 28.50 3.53
CA SER F 289 16.54 28.63 2.10
C SER F 289 17.78 28.28 1.29
N ILE F 290 18.94 28.79 1.70
CA ILE F 290 20.17 28.52 0.96
C ILE F 290 20.48 27.02 0.96
N LEU F 291 20.38 26.40 2.13
CA LEU F 291 20.72 24.98 2.24
C LEU F 291 19.67 24.10 1.56
N SER F 292 18.42 24.53 1.52
CA SER F 292 17.42 23.80 0.75
C SER F 292 17.73 23.86 -0.73
N ILE F 293 18.13 25.04 -1.23
CA ILE F 293 18.57 25.13 -2.62
C ILE F 293 19.72 24.16 -2.88
N THR F 294 20.69 24.15 -1.97
CA THR F 294 21.87 23.30 -2.16
C THR F 294 21.51 21.83 -2.12
N THR F 295 20.63 21.42 -1.20
CA THR F 295 20.28 20.01 -1.08
C THR F 295 19.42 19.56 -2.26
N VAL F 296 18.52 20.43 -2.73
CA VAL F 296 17.80 20.13 -3.97
C VAL F 296 18.77 19.95 -5.12
N SER F 297 19.81 20.79 -5.19
CA SER F 297 20.80 20.65 -6.24
C SER F 297 21.52 19.31 -6.15
N VAL F 298 21.94 18.92 -4.95
CA VAL F 298 22.64 17.65 -4.80
C VAL F 298 21.73 16.48 -5.15
N GLU F 299 20.47 16.54 -4.72
CA GLU F 299 19.54 15.46 -5.02
C GLU F 299 19.28 15.35 -6.51
N ARG F 300 19.14 16.49 -7.19
CA ARG F 300 18.98 16.45 -8.65
C ARG F 300 20.23 15.89 -9.31
N TYR F 301 21.42 16.26 -8.81
CA TYR F 301 22.65 15.73 -9.38
C TYR F 301 22.67 14.22 -9.30
N VAL F 302 22.39 13.66 -8.12
CA VAL F 302 22.39 12.22 -7.99
C VAL F 302 21.28 11.61 -8.84
N ALA F 303 20.16 12.31 -8.97
CA ALA F 303 19.05 11.81 -9.78
C ALA F 303 19.39 11.74 -11.26
N ILE F 304 20.27 12.59 -11.74
CA ILE F 304 20.63 12.60 -13.16
C ILE F 304 21.83 11.71 -13.44
N LEU F 305 22.92 11.88 -12.69
CA LEU F 305 24.13 11.12 -12.97
C LEU F 305 24.12 9.74 -12.33
N HIS F 306 23.25 9.49 -11.35
CA HIS F 306 23.12 8.17 -10.73
C HIS F 306 21.65 7.86 -10.51
N PRO F 307 20.88 7.72 -11.58
CA PRO F 307 19.42 7.59 -11.43
C PRO F 307 19.00 6.36 -10.64
N PHE F 308 19.69 5.24 -10.79
CA PHE F 308 19.36 4.05 -10.00
C PHE F 308 19.61 4.31 -8.52
N ARG F 309 20.75 4.93 -8.19
CA ARG F 309 21.01 5.28 -6.80
C ARG F 309 19.95 6.21 -6.25
N ALA F 310 19.48 7.16 -7.07
CA ALA F 310 18.46 8.09 -6.62
C ALA F 310 17.15 7.37 -6.33
N LYS F 311 16.73 6.48 -7.24
CA LYS F 311 15.48 5.74 -7.02
C LYS F 311 15.59 4.85 -5.78
N LEU F 312 16.72 4.20 -5.58
CA LEU F 312 16.92 3.32 -4.42
C LEU F 312 17.04 4.06 -3.09
N GLN F 313 17.71 5.20 -3.04
CA GLN F 313 17.91 5.93 -1.79
C GLN F 313 16.74 6.85 -1.47
N SER F 314 15.95 7.23 -2.46
CA SER F 314 14.90 8.22 -2.24
C SER F 314 13.86 7.69 -1.27
N THR F 315 13.87 8.21 -0.04
CA THR F 315 12.94 7.81 0.99
C THR F 315 12.57 9.02 1.83
N ARG F 316 11.35 9.01 2.37
CA ARG F 316 10.93 10.11 3.22
C ARG F 316 11.79 10.19 4.48
N ARG F 317 12.29 9.05 4.96
CA ARG F 317 13.19 9.07 6.11
C ARG F 317 14.44 9.89 5.80
N ARG F 318 15.08 9.61 4.66
CA ARG F 318 16.26 10.39 4.27
C ARG F 318 15.90 11.85 4.07
N ALA F 319 14.75 12.13 3.47
CA ALA F 319 14.34 13.51 3.25
C ALA F 319 14.21 14.26 4.56
N LEU F 320 13.53 13.67 5.54
CA LEU F 320 13.33 14.35 6.81
C LEU F 320 14.63 14.44 7.60
N ARG F 321 15.50 13.43 7.50
CA ARG F 321 16.81 13.53 8.14
C ARG F 321 17.62 14.68 7.57
N ILE F 322 17.65 14.82 6.24
CA ILE F 322 18.39 15.90 5.62
C ILE F 322 17.78 17.24 5.97
N LEU F 323 16.45 17.33 6.00
CA LEU F 323 15.81 18.58 6.42
C LEU F 323 16.17 18.92 7.86
N GLY F 324 16.22 17.92 8.74
CA GLY F 324 16.63 18.16 10.10
C GLY F 324 18.05 18.70 10.18
N ILE F 325 18.96 18.11 9.42
CA ILE F 325 20.34 18.61 9.40
C ILE F 325 20.37 20.03 8.88
N VAL F 326 19.60 20.31 7.83
CA VAL F 326 19.59 21.64 7.24
C VAL F 326 19.14 22.67 8.26
N TRP F 327 18.01 22.42 8.92
CA TRP F 327 17.50 23.41 9.87
C TRP F 327 18.34 23.47 11.14
N GLY F 328 18.98 22.37 11.52
CA GLY F 328 19.91 22.38 12.63
C GLY F 328 21.08 23.29 12.36
N PHE F 329 21.70 23.15 11.19
CA PHE F 329 22.76 24.08 10.81
C PHE F 329 22.23 25.50 10.72
N SER F 330 21.00 25.66 10.25
CA SER F 330 20.44 27.00 10.11
C SER F 330 20.31 27.71 11.45
N VAL F 331 19.81 26.99 12.47
CA VAL F 331 19.69 27.60 13.79
C VAL F 331 21.06 27.74 14.45
N LEU F 332 21.92 26.74 14.27
CA LEU F 332 23.24 26.76 14.91
C LEU F 332 24.08 27.92 14.39
N PHE F 333 24.23 28.03 13.07
CA PHE F 333 25.02 29.11 12.50
C PHE F 333 24.35 30.47 12.65
N SER F 334 23.07 30.49 13.03
CA SER F 334 22.42 31.76 13.35
C SER F 334 22.90 32.31 14.68
N LEU F 335 23.27 31.43 15.61
CA LEU F 335 23.62 31.86 16.96
C LEU F 335 24.81 32.80 17.01
N PRO F 336 25.91 32.55 16.30
CA PRO F 336 27.03 33.50 16.35
C PRO F 336 26.64 34.93 15.96
N ASN F 337 25.83 35.07 14.91
CA ASN F 337 25.41 36.40 14.49
C ASN F 337 24.38 36.98 15.45
N THR F 338 23.56 36.13 16.07
CA THR F 338 22.59 36.61 17.04
C THR F 338 23.26 37.12 18.31
N SER F 339 24.32 36.45 18.75
CA SER F 339 24.93 36.76 20.03
C SER F 339 25.52 38.17 20.08
N ILE F 340 25.89 38.74 18.94
CA ILE F 340 26.52 40.03 18.87
C ILE F 340 25.48 41.11 18.61
N HIS F 341 24.17 40.86 18.73
CA HIS F 341 23.18 41.83 18.40
C HIS F 341 22.52 42.22 19.66
N GLY F 342 22.16 43.49 19.80
CA GLY F 342 21.53 43.98 21.00
C GLY F 342 20.75 45.24 20.71
N ILE F 343 20.54 46.05 21.75
CA ILE F 343 19.92 47.36 21.60
C ILE F 343 21.00 48.42 21.84
N LYS F 344 21.11 49.36 20.91
CA LYS F 344 21.83 50.60 21.17
C LYS F 344 20.84 51.70 21.53
N PHE F 345 21.30 52.64 22.35
CA PHE F 345 20.45 53.70 22.88
C PHE F 345 21.06 55.06 22.58
N HIS F 346 20.26 56.10 22.56
CA HIS F 346 20.82 57.43 22.47
C HIS F 346 20.15 58.09 23.69
N TYR F 347 20.16 57.36 24.83
CA TYR F 347 19.56 57.86 26.07
C TYR F 347 20.73 58.23 26.93
N PHE F 348 20.62 59.36 27.64
CA PHE F 348 21.68 59.82 28.52
C PHE F 348 21.17 60.17 29.91
N PRO F 349 22.04 60.02 30.93
CA PRO F 349 21.68 60.42 32.30
C PRO F 349 21.63 61.93 32.51
N ASN F 350 22.02 62.73 31.52
CA ASN F 350 22.07 64.17 31.70
C ASN F 350 20.71 64.80 31.91
N GLY F 351 19.62 64.07 31.63
CA GLY F 351 18.29 64.62 31.71
C GLY F 351 17.88 65.44 30.51
N SER F 352 18.82 65.94 29.73
CA SER F 352 18.53 66.68 28.51
C SER F 352 19.83 67.13 27.87
N GLY F 356 11.28 56.90 22.49
CA GLY F 356 12.67 56.59 22.79
C GLY F 356 13.52 56.47 21.55
N SER F 357 14.74 55.96 21.70
CA SER F 357 15.64 55.72 20.57
C SER F 357 16.42 54.46 20.90
N ALA F 358 15.96 53.33 20.38
CA ALA F 358 16.45 52.02 20.81
C ALA F 358 16.66 51.06 19.64
N THR F 359 17.34 51.52 18.59
CA THR F 359 17.47 50.72 17.38
C THR F 359 18.16 49.40 17.67
N CYS F 360 17.70 48.30 16.99
CA CYS F 360 18.29 46.96 17.11
C CYS F 360 19.54 46.94 16.31
N THR F 361 20.70 46.85 16.89
CA THR F 361 21.97 47.13 16.24
C THR F 361 23.03 46.19 16.78
N VAL F 362 24.12 46.07 16.03
CA VAL F 362 25.29 45.36 16.52
C VAL F 362 25.84 46.12 17.71
N ILE F 363 25.91 45.45 18.86
CA ILE F 363 26.36 46.07 20.10
C ILE F 363 27.79 45.68 20.42
N LYS F 364 28.13 44.40 20.31
CA LYS F 364 29.49 43.95 20.55
C LYS F 364 30.40 44.40 19.41
N PRO F 365 31.71 44.39 19.60
CA PRO F 365 32.58 45.17 18.72
C PRO F 365 32.54 44.70 17.27
N MET F 366 32.83 45.64 16.37
CA MET F 366 32.53 45.46 14.96
C MET F 366 33.44 44.43 14.28
N TRP F 367 34.66 44.24 14.77
CA TRP F 367 35.58 43.32 14.09
C TRP F 367 35.08 41.89 14.16
N ILE F 368 34.48 41.50 15.30
CA ILE F 368 33.92 40.15 15.39
C ILE F 368 32.72 40.01 14.46
N TYR F 369 31.93 41.08 14.33
CA TYR F 369 30.82 41.05 13.39
C TYR F 369 31.32 40.91 11.96
N ASN F 370 32.41 41.59 11.62
CA ASN F 370 32.97 41.45 10.29
C ASN F 370 33.50 40.04 10.05
N PHE F 371 34.12 39.45 11.06
CA PHE F 371 34.56 38.07 10.93
C PHE F 371 33.37 37.14 10.70
N ILE F 372 32.30 37.35 11.47
CA ILE F 372 31.10 36.52 11.32
C ILE F 372 30.52 36.67 9.92
N ILE F 373 30.44 37.91 9.43
CA ILE F 373 29.81 38.15 8.13
C ILE F 373 30.68 37.59 7.00
N GLN F 374 32.01 37.73 7.11
CA GLN F 374 32.87 37.15 6.09
C GLN F 374 32.75 35.62 6.07
N VAL F 375 32.78 34.99 7.24
CA VAL F 375 32.67 33.54 7.29
C VAL F 375 31.30 33.08 6.78
N THR F 376 30.25 33.81 7.12
CA THR F 376 28.92 33.44 6.62
C THR F 376 28.84 33.61 5.12
N SER F 377 29.41 34.67 4.57
CA SER F 377 29.39 34.82 3.12
C SER F 377 30.14 33.69 2.44
N PHE F 378 31.28 33.28 3.01
CA PHE F 378 32.04 32.19 2.43
C PHE F 378 31.28 30.87 2.50
N LEU F 379 30.78 30.54 3.69
CA LEU F 379 30.17 29.22 3.89
C LEU F 379 28.78 29.12 3.28
N PHE F 380 28.05 30.23 3.15
CA PHE F 380 26.64 30.19 2.77
C PHE F 380 26.33 30.97 1.50
N TYR F 381 27.34 31.51 0.82
CA TYR F 381 27.09 32.02 -0.52
C TYR F 381 28.12 31.53 -1.53
N LEU F 382 29.38 31.49 -1.13
CA LEU F 382 30.43 31.15 -2.08
C LEU F 382 30.51 29.65 -2.28
N LEU F 383 30.60 28.88 -1.20
CA LEU F 383 30.59 27.42 -1.33
C LEU F 383 29.26 26.91 -1.88
N PRO F 384 28.10 27.35 -1.39
CA PRO F 384 26.85 26.93 -2.03
C PRO F 384 26.78 27.27 -3.51
N MET F 385 27.22 28.46 -3.91
CA MET F 385 27.16 28.80 -5.32
C MET F 385 28.11 27.91 -6.13
N THR F 386 29.30 27.64 -5.59
CA THR F 386 30.24 26.77 -6.29
C THR F 386 29.64 25.38 -6.47
N VAL F 387 29.07 24.83 -5.39
CA VAL F 387 28.47 23.50 -5.46
C VAL F 387 27.34 23.48 -6.48
N ILE F 388 26.43 24.45 -6.38
CA ILE F 388 25.29 24.48 -7.28
C ILE F 388 25.75 24.57 -8.73
N SER F 389 26.71 25.47 -9.01
CA SER F 389 27.14 25.68 -10.38
C SER F 389 27.84 24.44 -10.93
N VAL F 390 28.76 23.85 -10.17
CA VAL F 390 29.47 22.67 -10.65
C VAL F 390 28.49 21.52 -10.87
N LEU F 391 27.60 21.29 -9.92
CA LEU F 391 26.66 20.18 -10.05
C LEU F 391 25.74 20.36 -11.25
N TYR F 392 25.22 21.57 -11.46
CA TYR F 392 24.31 21.77 -12.59
C TYR F 392 25.06 21.76 -13.92
N TYR F 393 26.32 22.20 -13.94
CA TYR F 393 27.10 22.08 -15.16
C TYR F 393 27.34 20.62 -15.52
N LEU F 394 27.66 19.79 -14.53
CA LEU F 394 27.84 18.37 -14.80
C LEU F 394 26.52 17.73 -15.22
N MET F 395 25.40 18.17 -14.64
CA MET F 395 24.10 17.67 -15.07
C MET F 395 23.84 18.02 -16.52
N ALA F 396 24.14 19.26 -16.92
CA ALA F 396 23.96 19.65 -18.32
C ALA F 396 24.84 18.82 -19.24
N LEU F 397 26.09 18.56 -18.82
CA LEU F 397 26.97 17.72 -19.63
C LEU F 397 26.39 16.32 -19.79
N ARG F 398 25.92 15.73 -18.69
CA ARG F 398 25.37 14.37 -18.77
C ARG F 398 24.12 14.33 -19.63
N LEU F 399 23.28 15.36 -19.55
CA LEU F 399 22.08 15.40 -20.38
C LEU F 399 22.36 15.78 -21.82
N LYS F 400 23.56 16.28 -22.12
CA LYS F 400 23.96 16.40 -23.52
C LYS F 400 24.36 15.04 -24.10
N LYS F 401 25.08 14.24 -23.32
CA LYS F 401 25.52 12.92 -23.78
C LYS F 401 24.38 11.91 -23.70
N ASP F 402 24.59 10.77 -24.36
CA ASP F 402 23.71 9.62 -24.23
C ASP F 402 24.50 8.36 -24.52
N LYS F 403 24.11 7.26 -23.89
CA LYS F 403 24.79 5.97 -24.07
C LYS F 403 26.29 6.10 -23.79
N SER F 404 26.64 6.90 -22.80
CA SER F 404 28.04 7.21 -22.52
C SER F 404 28.72 7.83 -23.73
N LEU F 405 27.94 8.54 -24.55
CA LEU F 405 28.37 9.19 -25.79
C LEU F 405 28.72 8.19 -26.88
N GLU F 406 28.32 6.92 -26.73
CA GLU F 406 28.46 5.94 -27.79
C GLU F 406 27.28 5.93 -28.75
N ALA F 407 26.35 6.89 -28.61
CA ALA F 407 25.18 6.97 -29.46
C ALA F 407 25.55 7.51 -30.85
N ASP F 408 26.26 6.69 -31.62
CA ASP F 408 26.72 7.13 -32.94
C ASP F 408 25.57 7.47 -33.88
N GLU F 409 24.39 6.90 -33.64
CA GLU F 409 23.23 7.20 -34.48
C GLU F 409 22.46 8.43 -33.99
N GLY F 410 22.96 9.11 -32.96
CA GLY F 410 22.33 10.30 -32.44
C GLY F 410 21.35 10.03 -31.30
N ASN F 411 21.06 11.10 -30.57
CA ASN F 411 20.15 11.05 -29.43
C ASN F 411 19.07 12.12 -29.49
N ALA F 412 18.95 12.84 -30.62
CA ALA F 412 17.99 13.93 -30.70
C ALA F 412 16.55 13.47 -30.54
N ASN F 413 16.27 12.19 -30.75
CA ASN F 413 14.91 11.70 -30.65
C ASN F 413 14.40 11.67 -29.22
N ILE F 414 15.28 11.65 -28.23
CA ILE F 414 14.88 11.50 -26.83
C ILE F 414 15.43 12.65 -25.99
N GLN F 415 16.73 12.91 -26.08
CA GLN F 415 17.39 13.82 -25.15
C GLN F 415 17.01 15.27 -25.43
N ARG F 416 17.16 15.72 -26.67
CA ARG F 416 17.05 17.15 -26.95
C ARG F 416 15.71 17.75 -26.55
N PRO F 417 14.56 17.10 -26.75
CA PRO F 417 13.29 17.72 -26.33
C PRO F 417 13.28 18.14 -24.88
N CYS F 418 13.89 17.34 -23.99
CA CYS F 418 14.01 17.74 -22.60
C CYS F 418 15.15 18.73 -22.40
N ARG F 419 16.32 18.42 -22.98
CA ARG F 419 17.51 19.25 -22.79
C ARG F 419 17.22 20.71 -23.09
N LYS F 420 16.44 20.97 -24.13
CA LYS F 420 16.18 22.34 -24.56
C LYS F 420 15.67 23.21 -23.42
N SER F 421 14.72 22.70 -22.63
CA SER F 421 14.23 23.44 -21.48
C SER F 421 15.13 23.25 -20.26
N VAL F 422 15.71 22.06 -20.11
CA VAL F 422 16.41 21.71 -18.87
C VAL F 422 17.64 22.58 -18.69
N ASN F 423 18.45 22.73 -19.75
CA ASN F 423 19.66 23.53 -19.61
C ASN F 423 19.35 25.01 -19.37
N LYS F 424 18.31 25.54 -20.02
CA LYS F 424 17.91 26.92 -19.76
C LYS F 424 17.49 27.10 -18.30
N MET F 425 16.67 26.18 -17.79
CA MET F 425 16.22 26.30 -16.40
C MET F 425 17.38 26.14 -15.43
N LEU F 426 18.34 25.28 -15.73
CA LEU F 426 19.50 25.17 -14.85
C LEU F 426 20.29 26.46 -14.80
N PHE F 427 20.52 27.09 -15.96
CA PHE F 427 21.18 28.39 -15.97
C PHE F 427 20.36 29.40 -15.17
N VAL F 428 19.04 29.39 -15.35
CA VAL F 428 18.18 30.31 -14.63
C VAL F 428 18.33 30.13 -13.12
N LEU F 429 18.36 28.88 -12.66
CA LEU F 429 18.45 28.63 -11.23
C LEU F 429 19.78 29.11 -10.67
N VAL F 430 20.88 28.79 -11.35
CA VAL F 430 22.18 29.21 -10.83
C VAL F 430 22.28 30.73 -10.80
N LEU F 431 21.83 31.39 -11.87
CA LEU F 431 21.92 32.84 -11.93
C LEU F 431 20.99 33.50 -10.92
N VAL F 432 19.80 32.95 -10.72
CA VAL F 432 18.91 33.51 -9.70
C VAL F 432 19.57 33.46 -8.34
N PHE F 433 20.13 32.30 -7.98
CA PHE F 433 20.77 32.21 -6.68
C PHE F 433 21.88 33.24 -6.56
N ALA F 434 22.81 33.27 -7.52
CA ALA F 434 23.95 34.15 -7.40
C ALA F 434 23.53 35.61 -7.36
N ILE F 435 22.72 36.04 -8.32
CA ILE F 435 22.38 37.46 -8.44
C ILE F 435 21.50 37.91 -7.28
N CYS F 436 20.59 37.07 -6.80
CA CYS F 436 19.69 37.53 -5.75
C CYS F 436 20.36 37.52 -4.39
N TRP F 437 21.27 36.59 -4.13
CA TRP F 437 21.89 36.53 -2.81
C TRP F 437 23.18 37.34 -2.71
N ALA F 438 23.82 37.68 -3.84
CA ALA F 438 25.02 38.51 -3.76
C ALA F 438 24.76 39.86 -3.11
N PRO F 439 23.71 40.60 -3.45
CA PRO F 439 23.49 41.90 -2.81
C PRO F 439 23.29 41.81 -1.31
N PHE F 440 22.68 40.72 -0.83
CA PHE F 440 22.47 40.53 0.60
C PHE F 440 23.79 40.54 1.35
N HIS F 441 24.69 39.63 0.97
CA HIS F 441 26.00 39.59 1.61
C HIS F 441 26.81 40.84 1.30
N ILE F 442 26.56 41.46 0.16
CA ILE F 442 27.24 42.71 -0.18
C ILE F 442 26.90 43.78 0.85
N ASP F 443 25.62 43.95 1.16
CA ASP F 443 25.25 44.97 2.13
C ASP F 443 25.76 44.61 3.52
N ARG F 444 25.73 43.33 3.88
CA ARG F 444 26.24 42.94 5.20
C ARG F 444 27.73 43.24 5.32
N LEU F 445 28.51 42.82 4.32
CA LEU F 445 29.94 43.10 4.32
C LEU F 445 30.21 44.60 4.32
N PHE F 446 29.46 45.34 3.51
CA PHE F 446 29.63 46.78 3.45
C PHE F 446 29.50 47.39 4.83
N PHE F 447 28.42 47.07 5.55
CA PHE F 447 28.28 47.64 6.89
C PHE F 447 29.38 47.15 7.81
N SER F 448 29.79 45.88 7.68
CA SER F 448 30.77 45.35 8.62
C SER F 448 32.15 45.96 8.41
N PHE F 449 32.47 46.40 7.19
CA PHE F 449 33.84 46.80 6.89
C PHE F 449 34.14 48.22 7.35
N VAL F 450 33.23 49.16 7.12
CA VAL F 450 33.54 50.57 7.32
C VAL F 450 33.61 50.89 8.80
N GLU F 451 34.54 51.76 9.16
CA GLU F 451 34.81 52.09 10.56
C GLU F 451 34.02 53.29 11.06
N GLU F 452 33.87 54.33 10.24
CA GLU F 452 33.13 55.52 10.64
C GLU F 452 32.43 56.09 9.41
N TRP F 453 31.12 56.29 9.52
CA TRP F 453 30.27 56.57 8.37
C TRP F 453 30.26 58.06 8.04
N SER F 454 30.90 58.42 6.93
CA SER F 454 30.64 59.72 6.32
C SER F 454 29.25 59.74 5.72
N GLU F 455 28.71 60.95 5.54
CA GLU F 455 27.35 61.06 5.03
C GLU F 455 27.23 60.54 3.60
N SER F 456 28.24 60.79 2.76
CA SER F 456 28.22 60.24 1.41
C SER F 456 28.28 58.73 1.44
N LEU F 457 29.13 58.17 2.31
CA LEU F 457 29.18 56.72 2.46
C LEU F 457 27.85 56.19 2.94
N ALA F 458 27.19 56.90 3.85
CA ALA F 458 25.88 56.49 4.31
C ALA F 458 24.86 56.50 3.19
N ALA F 459 24.87 57.53 2.34
CA ALA F 459 23.92 57.59 1.24
C ALA F 459 24.13 56.44 0.26
N VAL F 460 25.39 56.17 -0.10
CA VAL F 460 25.63 55.08 -1.03
C VAL F 460 25.27 53.76 -0.40
N PHE F 461 25.53 53.59 0.90
CA PHE F 461 25.13 52.36 1.58
C PHE F 461 23.61 52.20 1.59
N ASN F 462 22.88 53.30 1.78
CA ASN F 462 21.43 53.20 1.77
C ASN F 462 20.92 52.79 0.40
N LEU F 463 21.51 53.34 -0.66
CA LEU F 463 21.13 52.90 -2.00
C LEU F 463 21.43 51.42 -2.20
N VAL F 464 22.61 50.99 -1.74
CA VAL F 464 22.98 49.58 -1.85
C VAL F 464 22.01 48.71 -1.07
N HIS F 465 21.59 49.17 0.11
CA HIS F 465 20.65 48.41 0.92
C HIS F 465 19.31 48.27 0.22
N VAL F 466 18.81 49.35 -0.39
CA VAL F 466 17.53 49.28 -1.09
C VAL F 466 17.61 48.30 -2.27
N VAL F 467 18.66 48.43 -3.08
CA VAL F 467 18.80 47.55 -4.24
C VAL F 467 18.96 46.10 -3.78
N SER F 468 19.75 45.89 -2.74
CA SER F 468 19.95 44.55 -2.22
C SER F 468 18.65 43.97 -1.72
N GLY F 469 17.85 44.77 -1.02
CA GLY F 469 16.57 44.29 -0.55
C GLY F 469 15.66 43.87 -1.69
N VAL F 470 15.59 44.68 -2.75
CA VAL F 470 14.70 44.32 -3.84
C VAL F 470 15.15 43.01 -4.48
N PHE F 471 16.46 42.87 -4.75
CA PHE F 471 16.92 41.62 -5.34
C PHE F 471 16.72 40.43 -4.40
N PHE F 472 17.01 40.63 -3.12
CA PHE F 472 16.94 39.54 -2.15
C PHE F 472 15.52 39.02 -2.00
N TYR F 473 14.54 39.93 -1.89
CA TYR F 473 13.16 39.49 -1.78
C TYR F 473 12.63 38.98 -3.11
N LEU F 474 13.14 39.49 -4.24
CA LEU F 474 12.82 38.87 -5.51
C LEU F 474 13.28 37.42 -5.54
N SER F 475 14.35 37.11 -4.80
CA SER F 475 14.76 35.72 -4.64
C SER F 475 13.62 34.85 -4.14
N SER F 476 13.08 35.19 -2.97
CA SER F 476 12.01 34.41 -2.38
C SER F 476 10.71 34.51 -3.16
N ALA F 477 10.57 35.55 -3.99
CA ALA F 477 9.39 35.62 -4.84
C ALA F 477 9.48 34.65 -6.02
N VAL F 478 10.66 34.53 -6.63
CA VAL F 478 10.80 33.72 -7.84
C VAL F 478 11.13 32.26 -7.53
N ASN F 479 11.63 31.94 -6.34
CA ASN F 479 11.96 30.54 -6.06
C ASN F 479 10.79 29.59 -6.31
N PRO F 480 9.59 29.82 -5.79
CA PRO F 480 8.48 28.91 -6.12
C PRO F 480 8.19 28.84 -7.61
N ILE F 481 8.37 29.95 -8.33
CA ILE F 481 8.07 29.96 -9.76
C ILE F 481 9.02 29.04 -10.52
N ILE F 482 10.31 29.08 -10.20
CA ILE F 482 11.28 28.35 -10.99
C ILE F 482 11.52 26.93 -10.46
N TYR F 483 11.25 26.68 -9.19
CA TYR F 483 11.48 25.36 -8.63
C TYR F 483 10.24 24.47 -8.65
N ASN F 484 9.06 25.05 -8.42
CA ASN F 484 7.82 24.26 -8.35
C ASN F 484 6.91 24.53 -9.53
N LEU F 485 6.55 25.79 -9.78
CA LEU F 485 5.81 26.12 -10.99
C LEU F 485 6.74 25.92 -12.18
N LEU F 486 6.23 26.11 -13.40
CA LEU F 486 7.03 25.88 -14.60
C LEU F 486 7.58 24.47 -14.66
N SER F 487 6.93 23.53 -13.98
CA SER F 487 7.29 22.12 -14.03
C SER F 487 6.04 21.30 -14.26
N ARG F 488 6.15 20.28 -15.11
CA ARG F 488 4.97 19.53 -15.51
C ARG F 488 4.34 18.79 -14.33
N ARG F 489 5.16 18.24 -13.44
CA ARG F 489 4.62 17.53 -12.29
C ARG F 489 3.74 18.44 -11.44
N PHE F 490 4.25 19.62 -11.09
CA PHE F 490 3.48 20.53 -10.26
C PHE F 490 2.27 21.08 -11.01
N GLN F 491 2.41 21.33 -12.31
CA GLN F 491 1.26 21.79 -13.08
C GLN F 491 0.13 20.78 -13.03
N ALA F 492 0.45 19.50 -13.24
CA ALA F 492 -0.56 18.46 -13.19
C ALA F 492 -1.18 18.35 -11.81
N ALA F 493 -0.34 18.35 -10.77
CA ALA F 493 -0.85 18.26 -9.40
C ALA F 493 -1.75 19.45 -9.08
N PHE F 494 -1.35 20.65 -9.52
CA PHE F 494 -2.13 21.86 -9.28
C PHE F 494 -3.48 21.79 -9.97
N GLN F 495 -3.51 21.32 -11.22
CA GLN F 495 -4.79 21.15 -11.90
C GLN F 495 -5.66 20.13 -11.17
N ASN F 496 -5.06 19.04 -10.71
CA ASN F 496 -5.84 18.05 -9.96
C ASN F 496 -6.42 18.64 -8.69
N VAL F 497 -5.61 19.41 -7.95
CA VAL F 497 -6.09 20.00 -6.69
C VAL F 497 -7.18 21.02 -6.97
N ILE F 498 -7.02 21.85 -8.00
CA ILE F 498 -8.05 22.81 -8.34
C ILE F 498 -9.34 22.10 -8.73
N SER F 499 -9.23 21.00 -9.48
CA SER F 499 -10.42 20.21 -9.82
C SER F 499 -11.08 19.67 -8.56
N SER F 500 -10.29 19.19 -7.60
CA SER F 500 -10.86 18.72 -6.35
C SER F 500 -11.56 19.85 -5.61
N PHE F 501 -11.03 21.08 -5.68
CA PHE F 501 -11.74 22.23 -5.15
C PHE F 501 -13.01 22.51 -5.94
N HIS F 502 -13.00 22.21 -7.24
CA HIS F 502 -14.13 22.48 -8.14
C HIS F 502 -15.24 21.44 -8.02
N LYS F 503 -15.16 20.53 -7.05
CA LYS F 503 -16.19 19.52 -6.87
C LYS F 503 -17.56 20.16 -6.68
#